data_8PPP
#
_entry.id   8PPP
#
_cell.length_a   82.700
_cell.length_b   95.700
_cell.length_c   87.200
_cell.angle_alpha   90.00
_cell.angle_beta   117.80
_cell.angle_gamma   90.00
#
_symmetry.space_group_name_H-M   'P 1 21 1'
#
loop_
_entity.id
_entity.type
_entity.pdbx_description
1 polymer 'Fatty-acyl-CoA synthase'
2 non-polymer 'DIPHOSPHOMETHYLPHOSPHONIC ACID ADENOSYL ESTER'
3 water water
#
_entity_poly.entity_id   1
_entity_poly.type   'polypeptide(L)'
_entity_poly.pdbx_seq_one_letter_code
;MGYLHRVVEGLKANAGGEALVSADRRLTGAETLEEIHRTARALAAQGLRPGDGVVTLHGNGVEAVVLRIAVQLLGCRYAG
LRPVFATREKANFLAEAEAAAFVYQPDMADEAAELLREVPTPRVLSLGPAPLGEDLVALAGAQSAEPVEFTADERAATAV
GFTGGTTGRAKGVCRAPFDLEACLDASLTIFGEGPWRFLVCIPIADLGGEMAEWTLAAGGTVVLREDFEPADILATIGAE
RTTHVFCAPGWVYQLAEHPALADADLSSLTQIPYGGAPSTPARIADALEKLGRPLLVHCYGSQEGGWMTWLSAEDHVRAD
RYLLNSVGKALPGTEIAIRDQDGADLPVGTVGEVCVRSTMLMRGYWRLPELTAKTVRDGWLHTGDLGRLDTEGYLYLVDR
AKDVIIVEAYNVYSQEVEHVLTGHPDVRYAAVVGVPDHDTTEAVYAAVVPAEGVGEIDVDELRALVRTTLGPVHEPKHLD
VVDTIPTTPRGHPDKSALRTRWRA
;
_entity_poly.pdbx_strand_id   A,B
#
loop_
_chem_comp.id
_chem_comp.type
_chem_comp.name
_chem_comp.formula
APC non-polymer 'DIPHOSPHOMETHYLPHOSPHONIC ACID ADENOSYL ESTER' 'C11 H18 N5 O12 P3'
#
# COMPACT_ATOMS: atom_id res chain seq x y z
N MET A 1 -3.38 21.60 31.62
CA MET A 1 -4.71 22.25 31.43
C MET A 1 -4.92 22.50 29.93
N GLY A 2 -4.71 21.42 29.16
CA GLY A 2 -4.87 21.42 27.73
C GLY A 2 -3.52 21.38 27.03
N TYR A 3 -3.42 20.54 26.00
CA TYR A 3 -2.15 20.25 25.36
C TYR A 3 -1.58 21.48 24.66
N LEU A 4 -2.41 22.25 23.97
CA LEU A 4 -1.89 23.38 23.23
C LEU A 4 -1.67 24.56 24.17
N HIS A 5 -2.47 24.62 25.24
CA HIS A 5 -2.26 25.57 26.31
C HIS A 5 -0.82 25.37 26.81
N ARG A 6 -0.44 24.10 27.04
CA ARG A 6 0.88 23.74 27.55
C ARG A 6 2.00 24.18 26.61
N VAL A 7 1.78 24.03 25.30
CA VAL A 7 2.74 24.43 24.28
C VAL A 7 2.94 25.95 24.29
N VAL A 8 1.81 26.68 24.28
CA VAL A 8 1.78 28.13 24.15
C VAL A 8 2.43 28.78 25.38
N GLU A 9 2.06 28.29 26.58
CA GLU A 9 2.64 28.77 27.83
C GLU A 9 4.14 28.54 27.85
N GLY A 10 4.57 27.39 27.33
CA GLY A 10 5.98 27.15 27.15
C GLY A 10 6.63 28.21 26.26
N LEU A 11 5.94 28.61 25.19
CA LEU A 11 6.47 29.65 24.31
C LEU A 11 6.42 31.04 24.95
N LYS A 12 5.43 31.25 25.83
CA LYS A 12 5.30 32.50 26.59
C LYS A 12 6.40 32.60 27.66
N ALA A 13 6.77 31.48 28.26
CA ALA A 13 7.87 31.45 29.21
C ALA A 13 9.22 31.62 28.51
N ASN A 14 9.34 31.21 27.25
CA ASN A 14 10.56 31.37 26.47
C ASN A 14 10.42 32.49 25.44
N ALA A 15 9.62 33.51 25.76
CA ALA A 15 9.29 34.59 24.82
C ALA A 15 10.55 35.21 24.22
N GLY A 16 11.51 35.57 25.08
CA GLY A 16 12.70 36.30 24.65
C GLY A 16 13.88 35.42 24.24
N GLY A 17 13.82 34.11 24.54
CA GLY A 17 14.87 33.15 24.19
C GLY A 17 14.58 32.41 22.88
N GLU A 18 15.59 31.77 22.32
CA GLU A 18 15.44 31.04 21.08
C GLU A 18 14.43 29.92 21.28
N ALA A 19 13.67 29.57 20.24
CA ALA A 19 12.62 28.55 20.37
C ALA A 19 12.63 27.60 19.18
N LEU A 20 12.77 28.16 17.97
CA LEU A 20 12.96 27.38 16.77
C LEU A 20 14.24 27.86 16.09
N VAL A 21 15.27 27.01 16.11
CA VAL A 21 16.51 27.24 15.40
C VAL A 21 16.66 26.16 14.34
N SER A 22 16.76 26.61 13.09
CA SER A 22 17.12 25.71 11.96
C SER A 22 18.47 26.26 11.48
N ALA A 23 18.97 25.79 10.36
CA ALA A 23 20.21 26.38 9.83
C ALA A 23 19.84 27.57 8.95
N ASP A 24 18.54 27.73 8.68
CA ASP A 24 18.10 28.79 7.77
C ASP A 24 17.44 29.93 8.55
N ARG A 25 16.79 29.64 9.68
CA ARG A 25 16.03 30.71 10.38
C ARG A 25 16.01 30.48 11.89
N ARG A 26 15.85 31.56 12.66
CA ARG A 26 15.87 31.48 14.14
C ARG A 26 14.74 32.33 14.73
N LEU A 27 13.76 31.72 15.39
CA LEU A 27 12.68 32.41 16.05
C LEU A 27 12.89 32.36 17.57
N THR A 28 12.48 33.44 18.22
CA THR A 28 12.26 33.44 19.64
C THR A 28 10.91 32.80 19.95
N GLY A 29 10.63 32.64 21.25
CA GLY A 29 9.33 32.20 21.71
C GLY A 29 8.22 33.13 21.21
N ALA A 30 8.44 34.44 21.35
CA ALA A 30 7.48 35.45 20.92
C ALA A 30 7.30 35.42 19.40
N GLU A 31 8.42 35.33 18.65
CA GLU A 31 8.34 35.27 17.20
C GLU A 31 7.61 34.00 16.79
N THR A 32 8.01 32.87 17.38
CA THR A 32 7.41 31.60 17.08
C THR A 32 5.90 31.68 17.32
N LEU A 33 5.52 32.15 18.50
CA LEU A 33 4.14 32.20 18.90
C LEU A 33 3.35 33.10 17.93
N GLU A 34 3.98 34.15 17.43
CA GLU A 34 3.33 35.08 16.50
C GLU A 34 3.04 34.41 15.15
N GLU A 35 3.99 33.62 14.64
CA GLU A 35 3.78 32.91 13.39
C GLU A 35 2.64 31.89 13.54
N ILE A 36 2.57 31.24 14.69
CA ILE A 36 1.54 30.24 14.92
C ILE A 36 0.18 30.91 14.84
N HIS A 37 0.00 32.00 15.58
CA HIS A 37 -1.27 32.68 15.57
C HIS A 37 -1.62 33.12 14.14
N ARG A 38 -0.66 33.72 13.43
CA ARG A 38 -0.96 34.29 12.12
C ARG A 38 -1.23 33.14 11.14
N THR A 39 -0.40 32.08 11.18
CA THR A 39 -0.65 30.87 10.40
C THR A 39 -2.02 30.28 10.71
N ALA A 40 -2.43 30.25 11.98
CA ALA A 40 -3.69 29.64 12.37
C ALA A 40 -4.84 30.44 11.80
N ARG A 41 -4.75 31.77 11.88
CA ARG A 41 -5.83 32.64 11.35
C ARG A 41 -5.86 32.50 9.83
N ALA A 42 -4.70 32.35 9.20
CA ALA A 42 -4.61 32.17 7.76
C ALA A 42 -5.31 30.88 7.31
N LEU A 43 -5.07 29.78 8.03
CA LEU A 43 -5.73 28.51 7.74
C LEU A 43 -7.22 28.66 7.98
N ALA A 44 -7.62 29.41 9.01
CA ALA A 44 -9.04 29.60 9.29
C ALA A 44 -9.70 30.39 8.16
N ALA A 45 -8.96 31.37 7.65
CA ALA A 45 -9.46 32.19 6.56
C ALA A 45 -9.70 31.33 5.31
N GLN A 46 -8.92 30.26 5.14
CA GLN A 46 -9.03 29.42 3.97
C GLN A 46 -10.18 28.43 4.11
N GLY A 47 -10.83 28.43 5.29
CA GLY A 47 -12.04 27.65 5.48
C GLY A 47 -11.88 26.49 6.48
N LEU A 48 -10.64 26.12 6.82
CA LEU A 48 -10.40 24.97 7.68
C LEU A 48 -11.11 25.20 9.00
N ARG A 49 -11.83 24.18 9.47
CA ARG A 49 -12.56 24.24 10.74
C ARG A 49 -12.16 23.03 11.57
N PRO A 50 -12.59 22.96 12.86
CA PRO A 50 -12.31 21.80 13.71
C PRO A 50 -12.72 20.49 13.05
N GLY A 51 -11.80 19.52 13.11
CA GLY A 51 -12.03 18.20 12.55
C GLY A 51 -11.50 18.04 11.13
N ASP A 52 -11.14 19.15 10.47
CA ASP A 52 -10.76 19.06 9.08
C ASP A 52 -9.33 18.54 8.99
N GLY A 53 -9.07 17.69 8.00
CA GLY A 53 -7.78 17.04 7.86
C GLY A 53 -6.80 17.91 7.09
N VAL A 54 -5.58 18.04 7.58
CA VAL A 54 -4.60 18.80 6.83
C VAL A 54 -3.39 17.92 6.61
N VAL A 55 -3.30 17.35 5.42
CA VAL A 55 -2.16 16.50 5.10
C VAL A 55 -1.02 17.42 4.75
N THR A 56 0.20 17.05 5.12
CA THR A 56 1.32 17.91 4.83
C THR A 56 2.46 17.10 4.26
N LEU A 57 3.34 17.79 3.54
CA LEU A 57 4.51 17.18 2.98
C LEU A 57 5.65 18.18 3.06
N HIS A 58 6.51 18.01 4.06
CA HIS A 58 7.59 18.96 4.31
C HIS A 58 8.71 18.26 5.05
N GLY A 59 9.91 18.82 4.98
CA GLY A 59 10.99 18.43 5.86
C GLY A 59 10.87 19.05 7.26
N ASN A 60 12.02 19.38 7.83
CA ASN A 60 12.13 19.84 9.20
C ASN A 60 12.55 21.31 9.23
N GLY A 61 11.90 22.11 8.41
CA GLY A 61 12.07 23.54 8.53
C GLY A 61 11.29 24.07 9.72
N VAL A 62 11.60 25.31 10.05
CA VAL A 62 10.91 26.06 11.06
C VAL A 62 9.44 26.10 10.64
N GLU A 63 9.20 26.28 9.34
CA GLU A 63 7.85 26.54 8.88
C GLU A 63 7.04 25.28 9.17
N ALA A 64 7.67 24.13 9.15
CA ALA A 64 6.94 22.86 9.44
C ALA A 64 6.39 22.80 10.88
N VAL A 65 7.10 23.36 11.85
CA VAL A 65 6.66 23.24 13.27
C VAL A 65 5.54 24.24 13.53
N VAL A 66 5.68 25.46 13.03
CA VAL A 66 4.60 26.46 13.15
C VAL A 66 3.33 25.85 12.54
N LEU A 67 3.46 25.23 11.38
CA LEU A 67 2.30 24.60 10.69
C LEU A 67 1.67 23.53 11.57
N ARG A 68 2.45 22.56 12.02
CA ARG A 68 1.92 21.48 12.88
C ARG A 68 1.12 22.07 14.04
N ILE A 69 1.69 23.03 14.77
CA ILE A 69 1.01 23.58 15.97
C ILE A 69 -0.21 24.40 15.55
N ALA A 70 -0.10 25.17 14.48
CA ALA A 70 -1.21 26.07 14.08
C ALA A 70 -2.40 25.23 13.63
N VAL A 71 -2.14 24.12 12.95
CA VAL A 71 -3.24 23.25 12.45
C VAL A 71 -3.95 22.68 13.67
N GLN A 72 -3.16 22.27 14.64
CA GLN A 72 -3.73 21.62 15.85
C GLN A 72 -4.38 22.70 16.73
N LEU A 73 -3.85 23.91 16.70
CA LEU A 73 -4.45 24.97 17.50
C LEU A 73 -5.88 25.26 17.05
N LEU A 74 -6.11 25.25 15.73
CA LEU A 74 -7.44 25.39 15.15
C LEU A 74 -8.36 24.25 15.55
N GLY A 75 -7.77 23.09 15.84
CA GLY A 75 -8.50 21.90 16.22
C GLY A 75 -8.67 20.94 15.05
N CYS A 76 -7.96 21.27 13.97
CA CYS A 76 -7.91 20.45 12.77
C CYS A 76 -7.12 19.18 13.05
N ARG A 77 -7.13 18.26 12.09
CA ARG A 77 -6.41 17.02 12.20
C ARG A 77 -5.17 17.08 11.30
N TYR A 78 -4.00 17.29 11.91
CA TYR A 78 -2.72 17.27 11.18
C TYR A 78 -2.37 15.83 10.80
N ALA A 79 -1.95 15.63 9.57
CA ALA A 79 -1.61 14.33 9.05
C ALA A 79 -0.34 14.45 8.20
N GLY A 80 0.80 14.12 8.80
CA GLY A 80 2.07 14.47 8.20
C GLY A 80 2.68 13.31 7.44
N LEU A 81 2.91 13.52 6.15
CA LEU A 81 3.60 12.51 5.37
C LEU A 81 5.09 12.71 5.55
N ARG A 82 5.78 11.64 5.95
CA ARG A 82 7.24 11.62 5.97
C ARG A 82 7.73 11.84 4.54
N PRO A 83 8.85 12.55 4.32
CA PRO A 83 9.44 12.62 2.98
C PRO A 83 9.94 11.24 2.54
N VAL A 84 10.43 10.44 3.49
CA VAL A 84 11.15 9.21 3.16
C VAL A 84 10.19 8.22 2.48
N PHE A 85 8.94 8.13 2.96
CA PHE A 85 7.91 7.31 2.34
C PHE A 85 7.99 7.32 0.82
N ALA A 86 7.78 6.13 0.22
CA ALA A 86 7.50 6.05 -1.21
C ALA A 86 6.28 6.87 -1.56
N THR A 87 6.27 7.41 -2.78
CA THR A 87 5.27 8.35 -3.23
C THR A 87 3.89 7.68 -3.33
N ARG A 88 3.87 6.38 -3.65
CA ARG A 88 2.63 5.63 -3.72
C ARG A 88 2.03 5.52 -2.33
N GLU A 89 2.88 5.33 -1.30
CA GLU A 89 2.40 5.17 0.06
C GLU A 89 1.73 6.48 0.48
N LYS A 90 2.32 7.61 0.05
CA LYS A 90 1.83 8.93 0.39
C LYS A 90 0.41 9.15 -0.15
N ALA A 91 0.25 8.81 -1.44
CA ALA A 91 -1.01 8.94 -2.13
C ALA A 91 -2.10 8.16 -1.39
N ASN A 92 -1.76 6.93 -1.00
CA ASN A 92 -2.75 6.06 -0.39
C ASN A 92 -3.17 6.65 0.95
N PHE A 93 -2.22 7.32 1.63
CA PHE A 93 -2.51 7.98 2.90
C PHE A 93 -3.36 9.21 2.70
N LEU A 94 -2.94 10.06 1.75
CA LEU A 94 -3.65 11.28 1.40
C LEU A 94 -5.11 10.97 1.02
N ALA A 95 -5.31 9.84 0.32
CA ALA A 95 -6.62 9.39 -0.11
C ALA A 95 -7.44 8.95 1.11
N GLU A 96 -6.81 8.13 1.96
CA GLU A 96 -7.45 7.63 3.15
C GLU A 96 -7.93 8.80 4.00
N ALA A 97 -7.15 9.89 4.04
CA ALA A 97 -7.48 11.08 4.82
C ALA A 97 -8.59 11.90 4.16
N GLU A 98 -9.61 12.24 4.95
CA GLU A 98 -10.69 13.09 4.47
C GLU A 98 -10.14 14.52 4.44
N ALA A 99 -9.18 14.72 3.53
CA ALA A 99 -8.27 15.84 3.53
C ALA A 99 -8.99 17.09 3.02
N ALA A 100 -8.92 18.15 3.82
CA ALA A 100 -9.53 19.44 3.56
C ALA A 100 -8.49 20.45 3.08
N ALA A 101 -7.20 20.10 3.22
CA ALA A 101 -6.12 20.94 2.75
C ALA A 101 -4.86 20.10 2.57
N PHE A 102 -3.98 20.55 1.68
CA PHE A 102 -2.71 19.87 1.50
C PHE A 102 -1.63 20.94 1.50
N VAL A 103 -0.66 20.79 2.40
CA VAL A 103 0.34 21.82 2.62
C VAL A 103 1.71 21.20 2.36
N TYR A 104 2.45 21.78 1.41
CA TYR A 104 3.66 21.15 0.92
C TYR A 104 4.80 22.17 0.95
N GLN A 105 6.02 21.65 1.09
CA GLN A 105 7.22 22.45 0.94
C GLN A 105 7.45 22.69 -0.56
N PRO A 106 7.71 23.95 -1.00
CA PRO A 106 8.11 24.26 -2.38
C PRO A 106 9.10 23.32 -3.08
N ASP A 107 10.24 23.11 -2.43
CA ASP A 107 11.29 22.14 -2.74
C ASP A 107 10.77 20.79 -3.25
N MET A 108 9.55 20.45 -2.81
CA MET A 108 8.98 19.13 -3.02
C MET A 108 7.75 19.25 -3.92
N ALA A 109 7.72 20.29 -4.76
CA ALA A 109 6.54 20.64 -5.54
C ALA A 109 6.23 19.58 -6.60
N ASP A 110 7.28 18.90 -7.09
CA ASP A 110 7.13 17.79 -8.00
C ASP A 110 6.17 16.76 -7.41
N GLU A 111 6.60 16.22 -6.27
CA GLU A 111 5.88 15.15 -5.59
C GLU A 111 4.46 15.62 -5.25
N ALA A 112 4.31 16.90 -4.91
CA ALA A 112 3.02 17.45 -4.60
C ALA A 112 2.02 17.25 -5.74
N ALA A 113 2.50 17.41 -6.99
CA ALA A 113 1.59 17.43 -8.14
C ALA A 113 1.20 16.00 -8.53
N GLU A 114 2.13 15.07 -8.33
CA GLU A 114 1.86 13.65 -8.56
C GLU A 114 0.77 13.19 -7.59
N LEU A 115 0.85 13.64 -6.32
CA LEU A 115 -0.09 13.19 -5.30
C LEU A 115 -1.44 13.88 -5.50
N LEU A 116 -1.42 15.11 -6.02
CA LEU A 116 -2.62 15.93 -6.03
C LEU A 116 -3.44 15.65 -7.28
N ARG A 117 -2.77 15.21 -8.36
CA ARG A 117 -3.43 14.67 -9.53
C ARG A 117 -4.12 13.37 -9.13
N GLU A 118 -3.44 12.60 -8.27
CA GLU A 118 -3.89 11.30 -7.84
C GLU A 118 -5.00 11.43 -6.79
N VAL A 119 -4.88 12.43 -5.90
CA VAL A 119 -5.94 12.75 -4.96
C VAL A 119 -6.20 14.25 -5.08
N PRO A 120 -7.12 14.69 -5.96
CA PRO A 120 -7.53 16.08 -5.97
C PRO A 120 -7.99 16.47 -4.56
N THR A 121 -7.28 17.45 -4.00
CA THR A 121 -7.61 18.01 -2.70
C THR A 121 -7.88 19.50 -2.91
N PRO A 122 -8.83 20.09 -2.14
CA PRO A 122 -8.93 21.54 -2.06
C PRO A 122 -7.86 22.14 -1.14
N ARG A 123 -7.84 23.47 -1.06
CA ARG A 123 -6.91 24.21 -0.23
C ARG A 123 -5.51 23.62 -0.33
N VAL A 124 -4.95 23.60 -1.54
CA VAL A 124 -3.54 23.31 -1.70
C VAL A 124 -2.75 24.52 -1.21
N LEU A 125 -1.76 24.31 -0.33
CA LEU A 125 -1.02 25.42 0.26
C LEU A 125 0.47 25.14 0.27
N SER A 126 1.25 26.20 0.12
CA SER A 126 2.70 26.10 -0.01
C SER A 126 3.39 26.89 1.13
N LEU A 127 4.49 26.33 1.67
CA LEU A 127 5.27 27.01 2.70
C LEU A 127 6.33 27.85 2.00
N GLY A 128 5.84 28.90 1.32
CA GLY A 128 6.65 29.78 0.50
C GLY A 128 6.32 29.66 -0.99
N PRO A 129 6.83 30.60 -1.81
CA PRO A 129 6.64 30.60 -3.26
C PRO A 129 6.73 29.22 -3.91
N ALA A 130 5.73 28.88 -4.72
CA ALA A 130 5.55 27.52 -5.18
C ALA A 130 4.57 27.46 -6.35
N PRO A 131 4.79 26.55 -7.33
CA PRO A 131 3.90 26.38 -8.49
C PRO A 131 2.42 26.19 -8.22
N LEU A 132 2.07 25.57 -7.08
CA LEU A 132 0.73 25.05 -6.84
C LEU A 132 0.12 25.65 -5.57
N GLY A 133 -1.19 25.87 -5.62
CA GLY A 133 -1.93 26.46 -4.51
C GLY A 133 -1.49 27.87 -4.17
N GLU A 134 -2.07 28.40 -3.09
CA GLU A 134 -1.65 29.67 -2.51
C GLU A 134 -0.43 29.45 -1.63
N ASP A 135 0.24 30.56 -1.29
CA ASP A 135 1.43 30.54 -0.45
C ASP A 135 1.01 30.95 0.96
N LEU A 136 1.21 30.02 1.91
CA LEU A 136 0.65 30.09 3.24
C LEU A 136 1.48 31.04 4.11
N VAL A 137 2.80 31.09 3.86
CA VAL A 137 3.65 31.98 4.63
C VAL A 137 3.36 33.42 4.24
N ALA A 138 3.00 33.65 2.96
CA ALA A 138 2.50 34.94 2.51
C ALA A 138 1.15 35.25 3.17
N LEU A 139 0.24 34.28 3.21
CA LEU A 139 -1.09 34.53 3.74
C LEU A 139 -1.03 34.86 5.23
N ALA A 140 -0.09 34.21 5.92
CA ALA A 140 0.10 34.42 7.34
C ALA A 140 0.71 35.79 7.54
N GLY A 141 1.70 36.11 6.67
CA GLY A 141 2.35 37.40 6.60
C GLY A 141 1.37 38.55 6.77
N ALA A 142 0.23 38.48 6.07
CA ALA A 142 -0.73 39.56 6.06
C ALA A 142 -1.86 39.31 7.07
N GLN A 143 -1.57 38.60 8.16
CA GLN A 143 -2.61 38.25 9.11
C GLN A 143 -2.25 38.82 10.47
N SER A 144 -3.23 39.00 11.35
CA SER A 144 -2.95 39.51 12.69
C SER A 144 -2.31 38.42 13.54
N ALA A 145 -1.49 38.83 14.50
CA ALA A 145 -0.83 37.91 15.40
C ALA A 145 -1.61 37.77 16.71
N GLU A 146 -2.89 38.17 16.70
CA GLU A 146 -3.72 38.12 17.90
C GLU A 146 -3.82 36.66 18.36
N PRO A 147 -3.55 36.31 19.65
CA PRO A 147 -3.69 34.92 20.08
C PRO A 147 -5.04 34.31 19.69
N VAL A 148 -4.97 33.02 19.32
CA VAL A 148 -6.10 32.18 18.96
C VAL A 148 -6.26 31.13 20.07
N GLU A 149 -7.37 31.11 20.82
CA GLU A 149 -7.47 30.17 21.93
C GLU A 149 -7.92 28.80 21.40
N PHE A 150 -7.32 27.71 21.89
CA PHE A 150 -7.76 26.37 21.56
C PHE A 150 -9.08 26.11 22.29
N THR A 151 -10.07 25.66 21.53
CA THR A 151 -11.43 25.56 22.02
C THR A 151 -12.08 24.25 21.59
N ALA A 152 -11.32 23.42 20.86
CA ALA A 152 -11.84 22.15 20.38
C ALA A 152 -11.90 21.14 21.52
N ASP A 153 -12.48 19.97 21.22
CA ASP A 153 -12.58 18.86 22.15
C ASP A 153 -11.18 18.28 22.38
N GLU A 154 -10.67 18.43 23.61
CA GLU A 154 -9.34 17.94 23.98
C GLU A 154 -9.19 16.45 23.66
N ARG A 155 -10.32 15.77 23.48
CA ARG A 155 -10.35 14.33 23.29
C ARG A 155 -10.39 13.98 21.82
N ALA A 156 -10.56 14.96 20.91
CA ALA A 156 -10.66 14.69 19.49
C ALA A 156 -9.29 14.83 18.81
N ALA A 157 -9.06 13.97 17.81
CA ALA A 157 -7.73 13.73 17.28
C ALA A 157 -7.27 14.95 16.51
N THR A 158 -6.04 15.39 16.80
CA THR A 158 -5.50 16.57 16.15
C THR A 158 -4.28 16.21 15.31
N ALA A 159 -3.88 14.94 15.40
CA ALA A 159 -2.69 14.48 14.72
C ALA A 159 -2.90 13.04 14.24
N VAL A 160 -2.23 12.72 13.13
CA VAL A 160 -2.21 11.38 12.62
C VAL A 160 -0.77 11.08 12.22
N GLY A 161 -0.22 9.99 12.74
CA GLY A 161 1.11 9.57 12.35
C GLY A 161 1.04 8.25 11.58
N PHE A 162 1.81 8.20 10.49
CA PHE A 162 1.79 7.08 9.58
C PHE A 162 2.89 6.09 9.97
N THR A 163 2.51 4.80 10.00
CA THR A 163 3.40 3.65 10.13
C THR A 163 3.13 2.70 8.94
N GLY A 164 4.17 2.15 8.30
CA GLY A 164 4.03 1.44 7.02
C GLY A 164 3.40 0.04 7.15
N GLY A 165 3.61 -0.82 6.14
CA GLY A 165 3.01 -2.15 6.08
C GLY A 165 3.72 -3.18 6.94
N ALA A 170 0.21 -0.42 6.97
CA ALA A 170 0.34 1.01 6.55
C ALA A 170 -0.80 1.81 7.17
N LYS A 171 -0.53 2.50 8.29
CA LYS A 171 -1.58 2.86 9.24
C LYS A 171 -1.36 4.23 9.88
N GLY A 172 -2.44 4.98 9.97
CA GLY A 172 -2.40 6.25 10.65
C GLY A 172 -2.78 6.05 12.10
N VAL A 173 -1.92 6.55 13.02
CA VAL A 173 -2.20 6.52 14.44
C VAL A 173 -2.74 7.88 14.83
N CYS A 174 -3.99 7.91 15.27
CA CYS A 174 -4.61 9.16 15.66
C CYS A 174 -4.27 9.51 17.10
N ARG A 175 -4.06 10.81 17.35
CA ARG A 175 -3.73 11.30 18.67
C ARG A 175 -4.51 12.57 18.96
N ALA A 176 -4.98 12.67 20.19
CA ALA A 176 -5.70 13.83 20.65
C ALA A 176 -4.85 14.59 21.68
N PRO A 177 -5.11 15.91 21.86
CA PRO A 177 -4.44 16.66 22.91
C PRO A 177 -4.34 15.88 24.23
N PHE A 178 -5.45 15.28 24.66
CA PHE A 178 -5.45 14.52 25.89
C PHE A 178 -4.24 13.59 26.03
N ASP A 179 -4.06 12.72 25.03
CA ASP A 179 -3.03 11.68 25.07
C ASP A 179 -1.68 12.31 24.74
N LEU A 180 -1.68 13.46 24.08
CA LEU A 180 -0.47 14.16 23.73
C LEU A 180 0.08 14.90 24.95
N GLU A 181 -0.79 15.44 25.79
CA GLU A 181 -0.31 16.09 27.00
C GLU A 181 0.26 15.02 27.92
N ALA A 182 -0.30 13.80 27.90
CA ALA A 182 0.21 12.76 28.77
C ALA A 182 1.56 12.31 28.23
N CYS A 183 1.73 12.30 26.90
CA CYS A 183 3.02 12.07 26.27
C CYS A 183 4.03 13.13 26.68
N LEU A 184 3.59 14.41 26.68
CA LEU A 184 4.42 15.52 27.12
C LEU A 184 4.95 15.24 28.53
N ASP A 185 4.00 14.97 29.44
CA ASP A 185 4.27 14.68 30.85
C ASP A 185 5.32 13.58 31.02
N ALA A 186 5.27 12.57 30.16
CA ALA A 186 6.17 11.44 30.26
C ALA A 186 7.58 11.85 29.80
N SER A 187 7.63 12.72 28.79
CA SER A 187 8.87 13.20 28.24
C SER A 187 9.70 13.95 29.29
N LEU A 188 8.99 14.70 30.14
CA LEU A 188 9.62 15.44 31.23
C LEU A 188 10.19 14.47 32.25
N THR A 189 9.54 13.32 32.40
CA THR A 189 10.04 12.28 33.26
C THR A 189 11.31 11.74 32.65
N ILE A 190 11.27 11.42 31.36
CA ILE A 190 12.39 10.79 30.67
C ILE A 190 13.53 11.78 30.55
N PHE A 191 13.25 12.89 29.86
CA PHE A 191 14.29 13.81 29.44
C PHE A 191 14.69 14.78 30.53
N GLY A 192 13.90 14.81 31.63
CA GLY A 192 14.14 15.72 32.73
C GLY A 192 13.38 17.01 32.54
N GLU A 193 13.50 17.93 33.48
CA GLU A 193 12.73 19.15 33.44
C GLU A 193 13.22 19.97 32.26
N GLY A 194 12.36 20.81 31.71
CA GLY A 194 12.80 21.82 30.77
C GLY A 194 13.41 23.05 31.46
N PRO A 195 13.83 24.07 30.70
CA PRO A 195 13.86 24.01 29.25
C PRO A 195 14.98 23.13 28.76
N TRP A 196 14.76 22.44 27.63
CA TRP A 196 15.77 21.68 26.92
C TRP A 196 16.27 22.50 25.74
N ARG A 197 17.40 22.09 25.18
CA ARG A 197 17.89 22.60 23.87
C ARG A 197 17.90 21.28 23.11
N PHE A 198 16.85 20.96 22.36
CA PHE A 198 16.61 19.60 21.87
C PHE A 198 16.90 19.51 20.38
N LEU A 199 17.86 18.65 19.99
CA LEU A 199 18.22 18.48 18.60
C LEU A 199 17.31 17.43 17.98
N VAL A 200 16.45 17.87 17.07
CA VAL A 200 15.44 17.04 16.43
C VAL A 200 15.90 16.87 14.98
N CYS A 201 16.28 15.63 14.63
CA CYS A 201 16.71 15.26 13.29
C CYS A 201 15.88 14.07 12.83
N ILE A 202 14.64 14.09 13.32
CA ILE A 202 13.60 13.12 13.04
C ILE A 202 12.48 13.92 12.37
N PRO A 203 11.73 13.33 11.44
CA PRO A 203 10.61 14.01 10.79
C PRO A 203 9.62 14.74 11.70
N ILE A 204 9.36 16.00 11.34
CA ILE A 204 8.34 16.81 12.06
C ILE A 204 6.98 16.20 11.70
N ALA A 205 6.88 15.60 10.52
CA ALA A 205 5.63 14.94 10.08
C ALA A 205 5.10 14.04 11.19
N ASP A 206 6.02 13.44 11.94
CA ASP A 206 5.55 12.49 12.97
C ASP A 206 6.18 12.71 14.34
N LEU A 207 7.18 11.91 14.66
CA LEU A 207 7.68 11.87 16.02
C LEU A 207 8.57 13.09 16.29
N GLY A 208 9.29 13.55 15.27
CA GLY A 208 10.06 14.76 15.41
C GLY A 208 9.19 15.95 15.78
N GLY A 209 7.96 16.02 15.26
CA GLY A 209 7.07 17.17 15.50
C GLY A 209 6.48 17.15 16.89
N GLU A 210 6.14 15.97 17.40
CA GLU A 210 5.66 15.87 18.80
C GLU A 210 6.80 16.27 19.72
N MET A 211 8.00 15.77 19.48
CA MET A 211 9.17 16.14 20.24
C MET A 211 9.41 17.66 20.15
N ALA A 212 9.11 18.28 19.00
CA ALA A 212 9.22 19.74 18.87
C ALA A 212 8.23 20.39 19.83
N GLU A 213 6.98 19.94 19.78
CA GLU A 213 5.93 20.51 20.64
C GLU A 213 6.30 20.31 22.11
N TRP A 214 6.86 19.15 22.45
CA TRP A 214 7.18 18.92 23.85
C TRP A 214 8.26 19.92 24.29
N THR A 215 9.28 20.07 23.45
CA THR A 215 10.39 20.96 23.78
C THR A 215 9.88 22.37 24.07
N LEU A 216 9.01 22.85 23.19
CA LEU A 216 8.51 24.21 23.27
C LEU A 216 7.64 24.34 24.51
N ALA A 217 6.82 23.32 24.77
CA ALA A 217 5.89 23.27 25.88
C ALA A 217 6.64 23.42 27.19
N ALA A 218 7.77 22.72 27.29
CA ALA A 218 8.62 22.78 28.47
C ALA A 218 9.53 23.99 28.44
N GLY A 219 9.35 24.84 27.42
CA GLY A 219 9.88 26.21 27.37
C GLY A 219 11.25 26.28 26.71
N GLY A 220 11.55 25.28 25.87
CA GLY A 220 12.91 25.04 25.44
C GLY A 220 13.17 25.51 24.02
N THR A 221 14.19 24.92 23.41
CA THR A 221 14.69 25.30 22.09
C THR A 221 14.80 24.06 21.22
N VAL A 222 14.12 24.07 20.08
CA VAL A 222 14.22 22.96 19.15
C VAL A 222 15.33 23.30 18.17
N VAL A 223 16.33 22.43 18.02
CA VAL A 223 17.32 22.58 16.98
C VAL A 223 16.99 21.60 15.84
N LEU A 224 16.58 22.14 14.69
CA LEU A 224 16.07 21.29 13.63
C LEU A 224 17.21 20.93 12.70
N ARG A 225 17.29 19.65 12.38
CA ARG A 225 18.05 19.16 11.24
C ARG A 225 17.17 18.22 10.42
N GLU A 226 17.52 18.05 9.14
CA GLU A 226 16.65 17.35 8.22
C GLU A 226 16.73 15.85 8.49
N ASP A 227 17.89 15.40 8.97
CA ASP A 227 18.17 13.99 9.10
C ASP A 227 19.46 13.85 9.89
N PHE A 228 19.82 12.60 10.18
CA PHE A 228 20.99 12.30 10.95
C PHE A 228 22.17 12.03 10.02
N GLU A 229 23.18 12.90 10.07
CA GLU A 229 24.51 12.59 9.55
C GLU A 229 25.48 12.91 10.68
N PRO A 230 26.28 11.94 11.16
CA PRO A 230 26.93 12.06 12.46
C PRO A 230 27.84 13.28 12.62
N ALA A 231 28.50 13.66 11.52
CA ALA A 231 29.47 14.74 11.54
C ALA A 231 28.76 16.07 11.73
N ASP A 232 27.66 16.30 10.99
CA ASP A 232 26.87 17.49 11.18
C ASP A 232 26.34 17.50 12.61
N ILE A 233 25.89 16.33 13.09
CA ILE A 233 25.22 16.29 14.38
C ILE A 233 26.21 16.63 15.48
N LEU A 234 27.47 16.18 15.35
CA LEU A 234 28.46 16.46 16.37
C LEU A 234 28.80 17.94 16.35
N ALA A 235 28.92 18.53 15.15
CA ALA A 235 29.12 19.97 15.03
C ALA A 235 27.94 20.71 15.68
N THR A 236 26.71 20.34 15.33
CA THR A 236 25.48 21.01 15.85
C THR A 236 25.41 21.00 17.39
N ILE A 237 25.77 19.90 18.01
CA ILE A 237 25.72 19.78 19.48
C ILE A 237 26.54 20.93 20.10
N GLY A 238 27.77 21.12 19.65
CA GLY A 238 28.64 22.16 20.22
C GLY A 238 28.18 23.55 19.82
N ALA A 239 27.85 23.73 18.56
CA ALA A 239 27.47 25.06 18.05
C ALA A 239 26.13 25.49 18.62
N GLU A 240 25.17 24.59 18.74
CA GLU A 240 23.82 25.00 19.19
C GLU A 240 23.68 24.68 20.67
N ARG A 241 24.72 24.15 21.28
CA ARG A 241 24.73 23.86 22.73
C ARG A 241 23.51 23.00 23.07
N THR A 242 23.41 21.85 22.41
CA THR A 242 22.23 20.97 22.59
C THR A 242 22.28 20.24 23.93
N THR A 243 21.14 20.06 24.56
CA THR A 243 21.02 19.32 25.83
C THR A 243 20.57 17.89 25.53
N HIS A 244 19.87 17.70 24.41
CA HIS A 244 19.33 16.40 24.06
C HIS A 244 19.45 16.23 22.54
N VAL A 245 19.78 15.02 22.10
CA VAL A 245 19.52 14.61 20.74
C VAL A 245 18.93 13.20 20.76
N PHE A 246 17.73 13.04 20.19
CA PHE A 246 17.13 11.72 20.13
C PHE A 246 17.71 10.96 18.96
N CYS A 247 18.17 9.74 19.27
CA CYS A 247 18.82 8.88 18.29
C CYS A 247 18.13 7.54 18.12
N ALA A 248 18.12 7.06 16.88
CA ALA A 248 18.09 5.62 16.62
C ALA A 248 19.35 5.03 17.25
N PRO A 249 19.31 3.78 17.75
CA PRO A 249 20.51 3.19 18.35
C PRO A 249 21.73 3.13 17.41
N GLY A 250 21.53 2.77 16.12
CA GLY A 250 22.59 2.81 15.14
C GLY A 250 23.28 4.18 15.12
N TRP A 251 22.48 5.24 15.20
CA TRP A 251 22.99 6.60 15.21
C TRP A 251 23.89 6.80 16.41
N VAL A 252 23.49 6.23 17.54
CA VAL A 252 24.30 6.36 18.73
C VAL A 252 25.68 5.79 18.41
N TYR A 253 25.76 4.64 17.70
CA TYR A 253 27.04 4.00 17.44
C TYR A 253 27.83 4.90 16.48
N GLN A 254 27.13 5.47 15.48
CA GLN A 254 27.81 6.30 14.48
C GLN A 254 28.47 7.49 15.14
N LEU A 255 27.83 8.11 16.15
CA LEU A 255 28.42 9.21 16.90
C LEU A 255 29.65 8.74 17.63
N ALA A 256 29.51 7.62 18.35
CA ALA A 256 30.50 7.28 19.36
C ALA A 256 31.78 6.81 18.67
N GLU A 257 31.66 6.36 17.42
CA GLU A 257 32.76 5.77 16.68
C GLU A 257 33.36 6.74 15.65
N HIS A 258 32.70 7.88 15.45
CA HIS A 258 33.05 8.80 14.39
C HIS A 258 34.36 9.50 14.71
N PRO A 259 35.30 9.60 13.75
CA PRO A 259 36.66 10.09 14.02
C PRO A 259 36.71 11.50 14.61
N ALA A 260 35.75 12.32 14.17
CA ALA A 260 35.61 13.72 14.60
C ALA A 260 35.01 13.88 16.00
N LEU A 261 34.70 12.79 16.71
CA LEU A 261 34.12 12.89 18.04
C LEU A 261 35.13 13.58 18.98
N ALA A 262 36.43 13.34 18.74
CA ALA A 262 37.46 13.79 19.64
C ALA A 262 37.55 15.32 19.65
N ASP A 263 37.34 15.92 18.48
CA ASP A 263 37.41 17.38 18.30
C ASP A 263 36.07 18.05 18.68
N ALA A 264 34.95 17.33 18.63
CA ALA A 264 33.65 17.89 18.97
C ALA A 264 33.53 18.18 20.46
N ASP A 265 32.59 19.08 20.81
CA ASP A 265 32.32 19.47 22.21
C ASP A 265 30.92 18.99 22.56
N LEU A 266 30.83 18.08 23.51
CA LEU A 266 29.56 17.46 23.86
C LEU A 266 29.06 17.90 25.25
N SER A 267 29.86 18.74 25.91
CA SER A 267 29.62 19.22 27.29
C SER A 267 28.21 19.73 27.56
N SER A 268 27.52 20.18 26.52
CA SER A 268 26.16 20.74 26.65
C SER A 268 25.14 19.63 26.87
N LEU A 269 25.44 18.43 26.39
CA LEU A 269 24.44 17.37 26.47
C LEU A 269 24.17 17.00 27.92
N THR A 270 22.89 16.93 28.28
CA THR A 270 22.48 16.25 29.51
C THR A 270 22.22 14.78 29.16
N GLN A 271 21.66 14.52 27.97
CA GLN A 271 21.20 13.21 27.58
C GLN A 271 21.40 12.97 26.08
N ILE A 272 21.54 11.70 25.73
CA ILE A 272 21.32 11.23 24.37
C ILE A 272 20.27 10.15 24.46
N PRO A 273 18.95 10.48 24.46
CA PRO A 273 17.93 9.44 24.50
C PRO A 273 17.94 8.68 23.17
N TYR A 274 17.74 7.36 23.24
CA TYR A 274 17.74 6.54 22.05
C TYR A 274 16.62 5.51 22.16
N GLY A 275 16.14 5.07 20.99
CA GLY A 275 15.08 4.07 20.90
C GLY A 275 14.50 4.04 19.49
N GLY A 276 13.33 3.40 19.35
CA GLY A 276 12.68 3.23 18.04
C GLY A 276 12.97 1.89 17.41
N ALA A 277 14.07 1.26 17.79
CA ALA A 277 14.49 -0.01 17.19
C ALA A 277 15.38 -0.72 18.19
N PRO A 278 15.58 -2.05 18.08
CA PRO A 278 16.46 -2.77 18.99
C PRO A 278 17.91 -2.32 18.95
N SER A 279 18.46 -2.16 20.15
CA SER A 279 19.86 -1.80 20.35
C SER A 279 20.69 -3.08 20.48
N THR A 280 22.00 -2.92 20.27
CA THR A 280 22.93 -3.99 20.54
C THR A 280 23.64 -3.61 21.83
N PRO A 281 23.34 -4.30 22.94
CA PRO A 281 23.95 -3.98 24.23
C PRO A 281 25.43 -3.75 24.17
N ALA A 282 26.17 -4.66 23.55
CA ALA A 282 27.64 -4.53 23.54
C ALA A 282 28.04 -3.22 22.86
N ARG A 283 27.31 -2.84 21.80
CA ARG A 283 27.53 -1.59 21.09
C ARG A 283 27.18 -0.37 21.95
N ILE A 284 26.06 -0.42 22.71
CA ILE A 284 25.71 0.64 23.63
C ILE A 284 26.75 0.78 24.73
N ALA A 285 27.30 -0.35 25.18
CA ALA A 285 28.44 -0.35 26.09
C ALA A 285 29.62 0.42 25.49
N ASP A 286 29.96 0.14 24.22
CA ASP A 286 31.11 0.81 23.61
C ASP A 286 30.86 2.30 23.48
N ALA A 287 29.62 2.65 23.09
CA ALA A 287 29.23 4.05 22.95
C ALA A 287 29.37 4.76 24.29
N LEU A 288 29.01 4.05 25.35
CA LEU A 288 29.08 4.59 26.68
C LEU A 288 30.54 4.84 27.03
N GLU A 289 31.43 3.86 26.77
CA GLU A 289 32.84 4.02 27.11
C GLU A 289 33.43 5.16 26.29
N LYS A 290 33.03 5.26 25.01
CA LYS A 290 33.62 6.22 24.09
C LYS A 290 33.16 7.65 24.38
N LEU A 291 31.93 7.84 24.88
CA LEU A 291 31.44 9.18 25.18
C LEU A 291 31.99 9.69 26.51
N GLY A 292 32.18 8.80 27.49
CA GLY A 292 32.89 9.17 28.70
C GLY A 292 31.98 9.46 29.89
N ARG A 293 30.67 9.43 29.66
CA ARG A 293 29.74 9.74 30.74
CA ARG A 293 29.73 9.79 30.71
C ARG A 293 28.36 9.17 30.45
N PRO A 294 27.54 9.02 31.52
CA PRO A 294 26.21 8.41 31.44
C PRO A 294 25.27 9.38 30.76
N LEU A 295 25.27 9.33 29.43
CA LEU A 295 24.44 10.19 28.63
C LEU A 295 23.24 9.41 28.12
N LEU A 296 23.42 8.09 27.94
CA LEU A 296 22.49 7.29 27.16
C LEU A 296 21.26 6.93 27.99
N VAL A 297 20.09 7.10 27.38
CA VAL A 297 18.83 6.80 28.02
C VAL A 297 17.96 6.03 27.03
N HIS A 298 17.54 4.83 27.42
CA HIS A 298 16.87 3.93 26.51
C HIS A 298 15.37 4.14 26.65
N CYS A 299 14.72 4.50 25.54
CA CYS A 299 13.31 4.80 25.45
C CYS A 299 12.55 3.79 24.60
N TYR A 300 11.52 3.18 25.20
CA TYR A 300 10.67 2.22 24.52
C TYR A 300 9.26 2.82 24.44
N GLY A 301 8.85 3.01 23.19
CA GLY A 301 7.60 3.65 22.86
C GLY A 301 7.11 3.13 21.51
N SER A 302 5.89 3.54 21.22
CA SER A 302 5.23 3.20 19.95
C SER A 302 4.35 4.41 19.68
N GLN A 303 3.90 4.58 18.45
CA GLN A 303 2.97 5.68 18.15
C GLN A 303 1.65 5.38 18.83
N GLU A 304 1.36 4.10 19.04
CA GLU A 304 0.07 3.68 19.62
C GLU A 304 0.12 3.77 21.14
N GLY A 305 1.22 3.34 21.75
CA GLY A 305 1.27 3.34 23.20
C GLY A 305 1.95 4.58 23.80
N GLY A 306 2.53 5.42 22.95
CA GLY A 306 3.39 6.49 23.43
C GLY A 306 4.57 5.88 24.19
N TRP A 307 5.07 6.62 25.19
CA TRP A 307 6.16 6.10 25.99
C TRP A 307 5.69 4.99 26.93
N MET A 308 6.38 3.85 26.91
CA MET A 308 6.00 2.71 27.72
C MET A 308 7.07 2.48 28.79
N THR A 309 8.34 2.39 28.40
CA THR A 309 9.41 2.33 29.38
C THR A 309 10.65 3.14 28.98
N TRP A 310 11.47 3.42 30.01
CA TRP A 310 12.77 4.00 29.75
C TRP A 310 13.80 3.42 30.73
N LEU A 311 14.99 3.14 30.20
CA LEU A 311 16.13 2.82 31.02
C LEU A 311 16.93 4.09 31.25
N SER A 312 17.07 4.52 32.51
CA SER A 312 17.68 5.81 32.82
C SER A 312 19.16 5.74 32.55
N ALA A 313 19.78 6.92 32.54
CA ALA A 313 21.22 7.06 32.33
C ALA A 313 22.02 6.31 33.41
N GLU A 314 21.53 6.41 34.67
CA GLU A 314 22.20 5.83 35.82
C GLU A 314 22.11 4.31 35.71
N ASP A 315 21.02 3.79 35.15
CA ASP A 315 20.79 2.36 35.05
C ASP A 315 21.65 1.80 33.95
N HIS A 316 22.09 2.62 33.00
CA HIS A 316 23.09 2.19 32.05
C HIS A 316 24.42 1.83 32.70
N VAL A 317 24.73 2.39 33.89
CA VAL A 317 26.03 2.20 34.52
C VAL A 317 25.89 1.77 35.98
N ARG A 318 24.71 1.34 36.36
CA ARG A 318 24.44 0.75 37.65
C ARG A 318 25.52 -0.29 37.94
N ALA A 319 26.07 -0.25 39.15
CA ALA A 319 27.29 -0.98 39.48
C ALA A 319 27.00 -2.47 39.66
N ASP A 320 25.81 -2.76 40.20
CA ASP A 320 25.46 -4.08 40.69
C ASP A 320 24.67 -4.89 39.65
N ARG A 321 24.43 -4.35 38.44
CA ARG A 321 23.64 -5.02 37.41
C ARG A 321 24.12 -4.65 36.02
N TYR A 322 23.89 -5.53 35.06
CA TYR A 322 23.99 -5.21 33.64
C TYR A 322 22.58 -5.17 33.08
N LEU A 323 22.19 -4.02 32.54
CA LEU A 323 20.81 -3.79 32.21
C LEU A 323 20.67 -3.37 30.76
N LEU A 324 21.75 -3.55 29.97
CA LEU A 324 21.80 -2.95 28.64
C LEU A 324 20.93 -3.74 27.65
N ASN A 325 20.47 -4.92 28.06
CA ASN A 325 19.48 -5.65 27.28
C ASN A 325 18.08 -5.39 27.82
N SER A 326 17.91 -4.32 28.62
CA SER A 326 16.59 -3.92 29.08
C SER A 326 16.20 -2.59 28.44
N VAL A 327 14.90 -2.40 28.18
CA VAL A 327 14.35 -1.10 27.84
C VAL A 327 13.77 -0.41 29.09
N GLY A 328 14.06 -0.93 30.29
CA GLY A 328 13.89 -0.12 31.49
C GLY A 328 12.55 -0.35 32.16
N LYS A 329 12.08 0.64 32.91
CA LYS A 329 10.89 0.50 33.74
C LYS A 329 9.75 1.34 33.20
N ALA A 330 8.54 1.00 33.68
CA ALA A 330 7.30 1.65 33.28
C ALA A 330 7.35 3.13 33.61
N LEU A 331 6.81 3.96 32.74
CA LEU A 331 6.66 5.35 33.10
C LEU A 331 5.56 5.53 34.13
N PRO A 332 5.65 6.57 35.00
CA PRO A 332 4.60 6.81 35.99
C PRO A 332 3.24 6.73 35.27
N GLY A 333 2.31 5.95 35.84
CA GLY A 333 0.98 5.87 35.25
C GLY A 333 0.85 4.75 34.22
N THR A 334 1.96 4.24 33.69
CA THR A 334 1.89 3.12 32.75
C THR A 334 1.93 1.80 33.52
N GLU A 335 0.92 0.98 33.27
CA GLU A 335 0.84 -0.38 33.76
C GLU A 335 1.31 -1.30 32.63
N ILE A 336 2.01 -2.36 33.01
CA ILE A 336 2.48 -3.35 32.05
C ILE A 336 2.01 -4.71 32.53
N ALA A 337 1.35 -5.45 31.64
CA ALA A 337 1.05 -6.86 31.87
C ALA A 337 1.74 -7.67 30.78
N ILE A 338 2.22 -8.83 31.15
CA ILE A 338 2.83 -9.74 30.21
C ILE A 338 1.84 -10.87 30.06
N ARG A 339 1.37 -11.10 28.84
CA ARG A 339 0.25 -11.99 28.66
C ARG A 339 0.58 -13.04 27.62
N ASP A 340 -0.07 -14.19 27.75
CA ASP A 340 0.07 -15.33 26.86
C ASP A 340 -0.84 -15.18 25.65
N GLN A 341 -0.83 -16.21 24.77
CA GLN A 341 -1.67 -16.36 23.58
C GLN A 341 -3.10 -15.91 23.84
N ASP A 342 -3.67 -16.33 24.98
CA ASP A 342 -5.09 -16.20 25.26
C ASP A 342 -5.39 -14.93 26.06
N GLY A 343 -4.37 -14.22 26.54
CA GLY A 343 -4.56 -12.96 27.24
C GLY A 343 -4.48 -13.10 28.76
N ALA A 344 -3.95 -14.23 29.22
CA ALA A 344 -3.71 -14.46 30.64
C ALA A 344 -2.44 -13.73 31.11
N ASP A 345 -2.58 -13.06 32.25
CA ASP A 345 -1.45 -12.44 32.90
C ASP A 345 -0.51 -13.51 33.40
N LEU A 346 0.76 -13.39 33.00
CA LEU A 346 1.83 -14.32 33.36
C LEU A 346 2.64 -13.78 34.53
N PRO A 347 3.14 -14.66 35.41
CA PRO A 347 3.92 -14.20 36.56
C PRO A 347 5.25 -13.60 36.08
N VAL A 348 5.69 -12.58 36.85
CA VAL A 348 6.93 -11.89 36.61
C VAL A 348 8.04 -12.91 36.39
N GLY A 349 8.78 -12.73 35.29
CA GLY A 349 9.80 -13.66 34.90
C GLY A 349 9.45 -14.44 33.64
N THR A 350 8.16 -14.52 33.29
CA THR A 350 7.75 -15.36 32.17
C THR A 350 7.73 -14.51 30.90
N VAL A 351 7.88 -15.15 29.74
CA VAL A 351 7.83 -14.43 28.48
C VAL A 351 6.40 -14.38 27.98
N GLY A 352 5.97 -13.24 27.47
CA GLY A 352 4.66 -13.07 26.84
C GLY A 352 4.54 -11.73 26.13
N GLU A 353 3.35 -11.44 25.62
CA GLU A 353 3.17 -10.21 24.88
C GLU A 353 3.11 -9.08 25.89
N VAL A 354 3.87 -8.03 25.59
CA VAL A 354 3.85 -6.82 26.38
C VAL A 354 2.57 -6.08 26.06
N CYS A 355 1.72 -5.95 27.07
CA CYS A 355 0.48 -5.20 27.00
C CYS A 355 0.56 -4.04 27.99
N VAL A 356 0.23 -2.84 27.52
CA VAL A 356 0.44 -1.63 28.30
C VAL A 356 -0.88 -0.86 28.43
N ARG A 357 -1.08 -0.26 29.61
CA ARG A 357 -2.21 0.62 29.79
C ARG A 357 -1.75 1.95 30.39
N SER A 358 -2.07 3.04 29.71
CA SER A 358 -1.74 4.38 30.18
C SER A 358 -2.67 5.37 29.49
N THR A 359 -2.70 6.62 29.98
CA THR A 359 -3.41 7.67 29.28
C THR A 359 -2.68 8.12 28.02
N MET A 360 -1.55 7.48 27.66
CA MET A 360 -0.82 7.85 26.46
C MET A 360 -1.30 7.06 25.27
N LEU A 361 -2.22 6.10 25.45
CA LEU A 361 -2.70 5.28 24.36
C LEU A 361 -3.26 6.18 23.27
N MET A 362 -3.09 5.77 22.01
CA MET A 362 -3.62 6.55 20.92
C MET A 362 -5.15 6.62 21.03
N ARG A 363 -5.76 7.65 20.41
CA ARG A 363 -7.21 7.66 20.19
C ARG A 363 -7.60 6.40 19.42
N GLY A 364 -6.71 5.94 18.51
CA GLY A 364 -6.98 4.74 17.72
C GLY A 364 -6.45 4.90 16.30
N TYR A 365 -6.59 3.83 15.51
CA TYR A 365 -6.13 3.84 14.13
C TYR A 365 -7.15 4.52 13.22
N TRP A 366 -6.63 5.37 12.34
CA TRP A 366 -7.44 6.18 11.45
C TRP A 366 -8.27 5.32 10.49
N ARG A 367 -9.60 5.37 10.65
CA ARG A 367 -10.52 4.67 9.78
C ARG A 367 -10.24 3.15 9.78
N LEU A 368 -9.69 2.57 10.86
CA LEU A 368 -9.50 1.14 10.92
C LEU A 368 -10.07 0.63 12.23
N PRO A 369 -11.38 0.79 12.49
CA PRO A 369 -11.99 0.38 13.76
C PRO A 369 -11.87 -1.11 14.11
N GLU A 370 -11.74 -1.97 13.09
CA GLU A 370 -11.57 -3.40 13.33
C GLU A 370 -10.20 -3.61 13.98
N LEU A 371 -9.17 -3.09 13.31
CA LEU A 371 -7.79 -3.33 13.70
C LEU A 371 -7.55 -2.66 15.03
N THR A 372 -8.23 -1.54 15.27
CA THR A 372 -8.09 -0.85 16.54
C THR A 372 -8.53 -1.83 17.63
N ALA A 373 -9.65 -2.51 17.40
CA ALA A 373 -10.30 -3.22 18.48
C ALA A 373 -9.54 -4.51 18.79
N LYS A 374 -8.78 -4.98 17.80
CA LYS A 374 -7.91 -6.16 17.92
C LYS A 374 -6.61 -5.78 18.64
N THR A 375 -6.21 -4.50 18.51
CA THR A 375 -4.94 -4.05 19.03
C THR A 375 -5.11 -3.51 20.45
N VAL A 376 -6.17 -2.74 20.67
CA VAL A 376 -6.46 -2.22 22.00
C VAL A 376 -7.71 -2.94 22.47
N ARG A 377 -7.59 -3.68 23.57
CA ARG A 377 -8.66 -4.51 24.06
C ARG A 377 -8.79 -4.22 25.55
N ASP A 378 -9.97 -3.71 25.93
CA ASP A 378 -10.27 -3.34 27.30
C ASP A 378 -9.23 -2.35 27.81
N GLY A 379 -8.79 -1.43 26.94
CA GLY A 379 -7.90 -0.36 27.33
C GLY A 379 -6.45 -0.82 27.46
N TRP A 380 -6.17 -2.02 26.96
CA TRP A 380 -4.85 -2.59 26.98
C TRP A 380 -4.33 -2.69 25.57
N LEU A 381 -3.24 -1.98 25.29
CA LEU A 381 -2.59 -2.08 24.00
C LEU A 381 -1.78 -3.36 23.99
N HIS A 382 -2.08 -4.23 23.01
CA HIS A 382 -1.24 -5.36 22.67
C HIS A 382 -0.15 -4.91 21.67
N THR A 383 1.11 -4.89 22.13
CA THR A 383 2.20 -4.25 21.41
C THR A 383 2.71 -5.09 20.25
N GLY A 384 2.48 -6.40 20.31
CA GLY A 384 3.09 -7.36 19.42
C GLY A 384 4.56 -7.64 19.75
N ASP A 385 5.03 -7.04 20.83
CA ASP A 385 6.32 -7.36 21.41
C ASP A 385 6.17 -8.49 22.42
N LEU A 386 7.20 -9.32 22.51
CA LEU A 386 7.31 -10.32 23.55
C LEU A 386 8.48 -9.95 24.46
N GLY A 387 8.29 -10.16 25.76
CA GLY A 387 9.33 -9.88 26.72
C GLY A 387 8.96 -10.43 28.09
N ARG A 388 9.84 -10.18 29.06
CA ARG A 388 9.55 -10.48 30.45
C ARG A 388 9.93 -9.29 31.32
N LEU A 389 9.25 -9.21 32.47
CA LEU A 389 9.67 -8.30 33.54
C LEU A 389 10.55 -9.07 34.50
N ASP A 390 11.30 -8.31 35.32
CA ASP A 390 12.06 -8.90 36.42
C ASP A 390 11.54 -8.30 37.72
N THR A 391 12.07 -8.80 38.84
CA THR A 391 11.51 -8.48 40.14
C THR A 391 11.71 -7.00 40.48
N GLU A 392 12.61 -6.29 39.76
CA GLU A 392 12.81 -4.86 40.01
C GLU A 392 12.02 -4.03 39.01
N GLY A 393 11.27 -4.68 38.12
CA GLY A 393 10.34 -3.97 37.26
C GLY A 393 10.94 -3.60 35.91
N TYR A 394 12.18 -4.05 35.62
CA TYR A 394 12.78 -3.84 34.31
C TYR A 394 12.13 -4.75 33.26
N LEU A 395 11.92 -4.18 32.08
CA LEU A 395 11.36 -4.91 30.95
C LEU A 395 12.49 -5.36 30.03
N TYR A 396 12.42 -6.62 29.60
CA TYR A 396 13.36 -7.18 28.64
C TYR A 396 12.58 -7.66 27.42
N LEU A 397 12.83 -7.04 26.27
CA LEU A 397 12.21 -7.45 25.02
C LEU A 397 13.07 -8.58 24.47
N VAL A 398 12.40 -9.68 24.05
CA VAL A 398 13.09 -10.82 23.48
C VAL A 398 12.70 -10.99 22.02
N ASP A 399 11.56 -10.44 21.59
CA ASP A 399 11.17 -10.61 20.20
C ASP A 399 9.92 -9.79 19.86
N ARG A 400 9.75 -9.51 18.56
CA ARG A 400 8.45 -9.18 18.00
C ARG A 400 7.73 -10.52 17.78
N ALA A 401 6.42 -10.60 18.08
CA ALA A 401 5.69 -11.86 18.01
C ALA A 401 5.86 -12.49 16.62
N LYS A 402 5.89 -11.62 15.60
CA LYS A 402 6.01 -12.04 14.22
C LYS A 402 7.40 -12.63 13.92
N ASP A 403 8.43 -12.39 14.74
CA ASP A 403 9.79 -12.84 14.44
C ASP A 403 10.13 -14.16 15.15
N VAL A 404 9.20 -14.73 15.92
CA VAL A 404 9.51 -15.87 16.76
C VAL A 404 9.80 -17.07 15.88
N ILE A 405 10.84 -17.81 16.26
CA ILE A 405 11.28 -18.95 15.49
C ILE A 405 10.80 -20.22 16.20
N ILE A 406 9.93 -20.99 15.53
CA ILE A 406 9.36 -22.19 16.13
C ILE A 406 10.15 -23.40 15.64
N VAL A 407 10.99 -23.95 16.52
CA VAL A 407 11.77 -25.13 16.23
C VAL A 407 11.18 -26.30 17.02
N GLU A 408 10.60 -27.27 16.29
CA GLU A 408 10.06 -28.48 16.91
C GLU A 408 9.12 -28.09 18.05
N ALA A 409 8.20 -27.15 17.81
CA ALA A 409 7.25 -26.78 18.86
C ALA A 409 7.90 -26.05 20.04
N TYR A 410 9.23 -25.86 20.07
CA TYR A 410 9.83 -24.96 21.06
C TYR A 410 9.97 -23.58 20.45
N ASN A 411 9.94 -22.55 21.32
CA ASN A 411 10.05 -21.15 20.91
C ASN A 411 11.48 -20.67 21.07
N VAL A 412 12.07 -20.28 19.94
CA VAL A 412 13.32 -19.57 19.96
C VAL A 412 12.99 -18.10 19.67
N TYR A 413 13.52 -17.22 20.52
CA TYR A 413 13.26 -15.79 20.40
C TYR A 413 14.47 -15.11 19.78
N SER A 414 14.26 -14.54 18.60
CA SER A 414 15.34 -14.14 17.72
C SER A 414 16.18 -13.04 18.38
N GLN A 415 15.52 -12.06 18.99
CA GLN A 415 16.22 -10.88 19.47
C GLN A 415 17.09 -11.31 20.66
N GLU A 416 16.57 -12.27 21.41
CA GLU A 416 17.30 -12.77 22.57
C GLU A 416 18.56 -13.53 22.16
N VAL A 417 18.53 -14.22 21.02
CA VAL A 417 19.68 -14.96 20.51
C VAL A 417 20.74 -14.00 19.95
N GLU A 418 20.32 -12.92 19.28
CA GLU A 418 21.21 -11.87 18.80
C GLU A 418 22.04 -11.28 19.94
N HIS A 419 21.38 -11.04 21.09
CA HIS A 419 22.04 -10.38 22.20
C HIS A 419 23.16 -11.28 22.71
N VAL A 420 22.93 -12.59 22.69
CA VAL A 420 23.94 -13.55 23.12
C VAL A 420 25.11 -13.51 22.16
N LEU A 421 24.78 -13.47 20.87
CA LEU A 421 25.78 -13.49 19.81
C LEU A 421 26.57 -12.19 19.83
N THR A 422 25.87 -11.06 19.94
CA THR A 422 26.54 -9.78 19.90
C THR A 422 27.34 -9.56 21.16
N GLY A 423 26.90 -10.22 22.26
CA GLY A 423 27.65 -10.16 23.50
C GLY A 423 29.04 -10.77 23.35
N HIS A 424 29.16 -11.70 22.41
CA HIS A 424 30.47 -12.23 22.06
C HIS A 424 31.35 -11.09 21.56
N PRO A 425 32.61 -11.00 22.07
CA PRO A 425 33.58 -10.00 21.63
C PRO A 425 33.94 -10.04 20.15
N ASP A 426 33.90 -11.23 19.54
CA ASP A 426 34.22 -11.38 18.13
C ASP A 426 33.08 -10.85 17.25
N VAL A 427 31.90 -10.65 17.84
CA VAL A 427 30.71 -10.30 17.07
C VAL A 427 30.34 -8.86 17.38
N ARG A 428 30.09 -8.09 16.31
CA ARG A 428 29.73 -6.69 16.42
C ARG A 428 28.22 -6.47 16.33
N TYR A 429 27.61 -7.09 15.32
CA TYR A 429 26.19 -7.03 15.03
C TYR A 429 25.72 -8.42 14.62
N ALA A 430 24.42 -8.69 14.80
CA ALA A 430 23.87 -9.98 14.45
C ALA A 430 22.38 -9.84 14.18
N ALA A 431 21.88 -10.70 13.28
CA ALA A 431 20.46 -10.82 13.00
C ALA A 431 20.12 -12.31 12.95
N VAL A 432 19.10 -12.68 13.71
CA VAL A 432 18.60 -14.03 13.75
C VAL A 432 17.22 -14.05 13.12
N VAL A 433 16.99 -15.07 12.31
CA VAL A 433 15.76 -15.21 11.57
C VAL A 433 15.45 -16.72 11.45
N GLY A 434 14.18 -17.01 11.18
CA GLY A 434 13.76 -18.37 10.93
C GLY A 434 13.72 -18.68 9.44
N VAL A 435 14.23 -19.86 9.08
CA VAL A 435 14.18 -20.34 7.72
C VAL A 435 13.52 -21.72 7.72
N PRO A 436 13.05 -22.24 6.57
CA PRO A 436 12.57 -23.62 6.49
C PRO A 436 13.55 -24.74 6.86
N ASP A 437 13.04 -25.70 7.63
CA ASP A 437 13.76 -26.92 7.95
C ASP A 437 12.84 -28.11 7.67
N HIS A 438 13.40 -29.12 6.99
CA HIS A 438 12.64 -30.31 6.65
C HIS A 438 12.19 -30.97 7.96
N ASP A 439 13.14 -31.06 8.90
CA ASP A 439 13.05 -31.89 10.09
C ASP A 439 12.42 -31.14 11.26
N THR A 440 12.75 -29.85 11.45
CA THR A 440 12.26 -29.10 12.60
C THR A 440 11.27 -28.00 12.19
N THR A 441 10.85 -27.98 10.91
CA THR A 441 9.90 -27.02 10.34
C THR A 441 10.59 -25.69 10.03
N GLU A 442 11.08 -25.05 11.10
CA GLU A 442 11.84 -23.82 11.06
C GLU A 442 13.16 -24.08 11.76
N ALA A 443 14.24 -23.61 11.16
CA ALA A 443 15.52 -23.61 11.87
C ALA A 443 15.97 -22.16 12.08
N VAL A 444 16.97 -22.00 12.96
CA VAL A 444 17.51 -20.72 13.35
C VAL A 444 18.69 -20.36 12.43
N TYR A 445 18.51 -19.26 11.67
CA TYR A 445 19.58 -18.64 10.91
C TYR A 445 20.10 -17.43 11.70
N ALA A 446 21.43 -17.37 11.90
CA ALA A 446 22.06 -16.14 12.38
C ALA A 446 23.08 -15.65 11.34
N ALA A 447 22.96 -14.36 10.99
CA ALA A 447 24.00 -13.62 10.32
C ALA A 447 24.69 -12.73 11.34
N VAL A 448 26.01 -12.80 11.36
CA VAL A 448 26.81 -12.07 12.33
C VAL A 448 27.87 -11.26 11.60
N VAL A 449 28.05 -10.02 12.05
CA VAL A 449 29.09 -9.13 11.55
C VAL A 449 30.24 -9.14 12.54
N PRO A 450 31.48 -9.45 12.07
CA PRO A 450 32.66 -9.50 12.92
C PRO A 450 33.04 -8.11 13.41
N ALA A 451 33.57 -8.00 14.63
CA ALA A 451 34.06 -6.72 15.11
C ALA A 451 35.36 -6.34 14.37
N GLU A 452 35.84 -5.12 14.63
CA GLU A 452 37.12 -4.72 14.04
C GLU A 452 38.18 -5.57 14.73
N GLY A 453 39.13 -6.03 13.92
CA GLY A 453 40.23 -6.84 14.41
C GLY A 453 39.82 -8.29 14.68
N VAL A 454 38.66 -8.71 14.18
CA VAL A 454 38.29 -10.10 14.25
C VAL A 454 38.51 -10.65 12.86
N GLY A 455 39.17 -11.80 12.79
CA GLY A 455 39.28 -12.49 11.51
C GLY A 455 38.18 -13.53 11.35
N GLU A 456 38.60 -14.80 11.37
CA GLU A 456 37.72 -15.94 11.25
C GLU A 456 36.94 -16.07 12.56
N ILE A 457 35.62 -15.94 12.50
CA ILE A 457 34.80 -16.21 13.66
C ILE A 457 34.75 -17.73 13.84
N ASP A 458 34.92 -18.21 15.07
CA ASP A 458 34.70 -19.62 15.38
C ASP A 458 33.20 -19.87 15.56
N VAL A 459 32.55 -20.33 14.48
CA VAL A 459 31.12 -20.53 14.47
C VAL A 459 30.70 -21.59 15.48
N ASP A 460 31.63 -22.42 15.95
CA ASP A 460 31.26 -23.44 16.94
C ASP A 460 31.32 -22.83 18.33
N GLU A 461 32.27 -21.91 18.56
CA GLU A 461 32.30 -21.16 19.80
C GLU A 461 30.96 -20.44 20.00
N LEU A 462 30.38 -19.93 18.90
CA LEU A 462 29.18 -19.10 18.94
C LEU A 462 27.96 -19.98 19.21
N ARG A 463 27.87 -21.13 18.55
CA ARG A 463 26.78 -22.04 18.78
C ARG A 463 26.81 -22.52 20.23
N ALA A 464 27.99 -22.89 20.71
CA ALA A 464 28.15 -23.31 22.10
C ALA A 464 27.61 -22.25 23.05
N LEU A 465 27.98 -20.98 22.83
CA LEU A 465 27.60 -19.91 23.75
C LEU A 465 26.08 -19.74 23.78
N VAL A 466 25.39 -20.00 22.66
CA VAL A 466 23.93 -19.87 22.67
C VAL A 466 23.29 -21.04 23.42
N ARG A 467 23.82 -22.24 23.15
CA ARG A 467 23.41 -23.48 23.79
C ARG A 467 23.56 -23.33 25.29
N THR A 468 24.69 -22.76 25.67
CA THR A 468 25.09 -22.62 27.05
C THR A 468 24.26 -21.58 27.79
N THR A 469 23.59 -20.71 27.05
CA THR A 469 22.95 -19.55 27.66
C THR A 469 21.44 -19.74 27.59
N LEU A 470 20.98 -20.05 26.38
CA LEU A 470 19.57 -20.26 26.15
C LEU A 470 19.24 -21.75 26.10
N GLY A 471 20.15 -22.54 25.55
CA GLY A 471 19.90 -23.97 25.44
C GLY A 471 19.91 -24.43 23.97
N PRO A 472 20.04 -25.75 23.77
CA PRO A 472 20.27 -26.35 22.46
C PRO A 472 19.47 -25.81 21.29
N VAL A 473 18.14 -25.68 21.44
CA VAL A 473 17.32 -25.44 20.25
C VAL A 473 17.51 -24.01 19.75
N HIS A 474 17.94 -23.13 20.65
CA HIS A 474 18.22 -21.73 20.34
C HIS A 474 19.50 -21.58 19.52
N GLU A 475 20.29 -22.66 19.48
CA GLU A 475 21.48 -22.75 18.67
C GLU A 475 21.16 -22.45 17.20
N PRO A 476 21.91 -21.56 16.53
CA PRO A 476 21.78 -21.36 15.10
C PRO A 476 22.34 -22.55 14.32
N LYS A 477 21.45 -23.25 13.62
CA LYS A 477 21.79 -24.33 12.72
C LYS A 477 22.70 -23.74 11.65
N HIS A 478 22.24 -22.65 11.04
CA HIS A 478 22.96 -21.96 9.98
C HIS A 478 23.56 -20.66 10.53
N LEU A 479 24.87 -20.46 10.32
CA LEU A 479 25.55 -19.30 10.86
C LEU A 479 26.49 -18.68 9.81
N ASP A 480 25.99 -17.66 9.10
CA ASP A 480 26.78 -16.90 8.13
C ASP A 480 27.55 -15.76 8.78
N VAL A 481 28.86 -15.70 8.54
CA VAL A 481 29.58 -14.43 8.69
C VAL A 481 29.24 -13.59 7.47
N VAL A 482 28.95 -12.30 7.70
CA VAL A 482 28.62 -11.38 6.63
C VAL A 482 29.34 -10.05 6.88
N ASP A 483 29.38 -9.26 5.81
CA ASP A 483 29.91 -7.91 5.83
C ASP A 483 28.89 -6.99 6.52
N THR A 484 27.60 -7.21 6.25
CA THR A 484 26.60 -6.19 6.47
C THR A 484 25.25 -6.84 6.73
N ILE A 485 24.52 -6.26 7.68
CA ILE A 485 23.16 -6.64 7.97
C ILE A 485 22.23 -5.69 7.22
N PRO A 486 21.48 -6.15 6.19
CA PRO A 486 20.57 -5.26 5.46
C PRO A 486 19.57 -4.54 6.36
N THR A 487 19.12 -3.36 5.94
CA THR A 487 18.23 -2.57 6.83
C THR A 487 16.97 -2.14 6.10
N THR A 488 15.87 -1.97 6.85
CA THR A 488 14.61 -1.50 6.25
C THR A 488 14.60 0.02 6.17
N PRO A 489 13.93 0.64 5.18
CA PRO A 489 13.79 2.08 5.11
C PRO A 489 13.80 2.72 6.50
N ARG A 490 12.91 2.23 7.38
CA ARG A 490 12.80 2.81 8.75
C ARG A 490 13.70 2.02 9.69
N GLY A 491 14.58 2.72 10.39
CA GLY A 491 15.53 2.07 11.33
C GLY A 491 15.02 0.72 11.80
N HIS A 492 15.50 -0.38 11.20
CA HIS A 492 15.15 -1.76 11.65
C HIS A 492 15.87 -2.71 10.70
N PRO A 493 16.39 -3.86 11.17
CA PRO A 493 17.14 -4.78 10.29
C PRO A 493 16.21 -5.64 9.44
N ASP A 494 16.61 -5.91 8.19
CA ASP A 494 15.71 -6.45 7.19
C ASP A 494 15.68 -7.98 7.26
N LYS A 495 14.73 -8.49 8.03
CA LYS A 495 14.68 -9.91 8.30
C LYS A 495 14.12 -10.64 7.07
N SER A 496 13.21 -10.01 6.31
CA SER A 496 12.68 -10.61 5.09
C SER A 496 13.80 -10.94 4.11
N ALA A 497 14.76 -10.02 3.98
CA ALA A 497 15.77 -10.10 2.94
C ALA A 497 16.87 -11.08 3.31
N LEU A 498 16.91 -11.49 4.58
CA LEU A 498 17.81 -12.54 5.03
C LEU A 498 17.18 -13.91 4.81
N ARG A 499 15.88 -14.04 5.15
CA ARG A 499 15.07 -15.19 4.78
C ARG A 499 15.20 -15.40 3.27
N THR A 500 15.05 -14.30 2.51
CA THR A 500 15.07 -14.31 1.05
C THR A 500 16.44 -14.73 0.51
N ARG A 501 17.52 -14.13 1.02
CA ARG A 501 18.87 -14.42 0.55
C ARG A 501 19.31 -15.84 0.86
N TRP A 502 18.75 -16.45 1.93
CA TRP A 502 19.30 -17.70 2.45
C TRP A 502 18.88 -18.91 1.61
N ARG A 503 17.66 -18.86 1.04
CA ARG A 503 17.25 -19.83 0.04
C ARG A 503 18.35 -19.95 -1.03
N ALA A 504 18.56 -18.88 -1.80
CA ALA A 504 19.58 -18.88 -2.85
C ALA A 504 20.99 -18.87 -2.21
N MET B 1 -31.82 -21.60 -8.33
CA MET B 1 -32.30 -20.32 -8.93
C MET B 1 -31.11 -19.45 -9.32
N GLY B 2 -30.09 -19.39 -8.45
CA GLY B 2 -29.07 -18.34 -8.49
C GLY B 2 -27.75 -18.75 -9.14
N TYR B 3 -26.69 -18.03 -8.76
CA TYR B 3 -25.48 -17.94 -9.56
C TYR B 3 -24.75 -19.29 -9.62
N LEU B 4 -24.64 -19.98 -8.49
CA LEU B 4 -23.88 -21.22 -8.49
C LEU B 4 -24.73 -22.36 -9.02
N HIS B 5 -26.06 -22.26 -8.86
CA HIS B 5 -26.98 -23.16 -9.51
C HIS B 5 -26.68 -23.11 -11.01
N ARG B 6 -26.54 -21.90 -11.56
CA ARG B 6 -26.31 -21.70 -12.99
C ARG B 6 -24.98 -22.31 -13.44
N VAL B 7 -23.96 -22.21 -12.61
CA VAL B 7 -22.68 -22.82 -12.91
C VAL B 7 -22.75 -24.35 -12.94
N VAL B 8 -23.38 -24.93 -11.90
CA VAL B 8 -23.48 -26.37 -11.70
C VAL B 8 -24.28 -27.00 -12.83
N GLU B 9 -25.43 -26.40 -13.17
CA GLU B 9 -26.28 -26.85 -14.26
C GLU B 9 -25.51 -26.81 -15.58
N GLY B 10 -24.70 -25.77 -15.77
CA GLY B 10 -23.82 -25.70 -16.91
C GLY B 10 -22.87 -26.89 -16.95
N LEU B 11 -22.38 -27.30 -15.78
CA LEU B 11 -21.48 -28.43 -15.72
C LEU B 11 -22.23 -29.75 -15.88
N LYS B 12 -23.49 -29.80 -15.46
CA LYS B 12 -24.35 -30.96 -15.65
C LYS B 12 -24.75 -31.12 -17.12
N ALA B 13 -24.92 -30.00 -17.82
CA ALA B 13 -25.18 -30.05 -19.25
C ALA B 13 -23.93 -30.44 -20.05
N ASN B 14 -22.74 -30.11 -19.53
CA ASN B 14 -21.47 -30.48 -20.15
C ASN B 14 -20.81 -31.64 -19.43
N ALA B 15 -21.60 -32.53 -18.84
CA ALA B 15 -21.08 -33.62 -18.03
C ALA B 15 -20.02 -34.42 -18.78
N GLY B 16 -20.36 -34.85 -20.02
CA GLY B 16 -19.54 -35.77 -20.79
C GLY B 16 -18.45 -35.10 -21.64
N GLY B 17 -18.54 -33.76 -21.81
CA GLY B 17 -17.58 -32.99 -22.60
C GLY B 17 -16.51 -32.33 -21.72
N GLU B 18 -15.43 -31.88 -22.34
CA GLU B 18 -14.37 -31.19 -21.63
C GLU B 18 -14.94 -29.94 -21.00
N ALA B 19 -14.37 -29.52 -19.86
CA ALA B 19 -14.86 -28.38 -19.11
C ALA B 19 -13.69 -27.54 -18.60
N LEU B 20 -12.67 -28.18 -18.05
CA LEU B 20 -11.46 -27.50 -17.61
C LEU B 20 -10.27 -28.21 -18.27
N VAL B 21 -9.67 -27.52 -19.23
CA VAL B 21 -8.48 -27.97 -19.90
C VAL B 21 -7.37 -26.98 -19.59
N SER B 22 -6.29 -27.47 -18.95
CA SER B 22 -5.01 -26.77 -18.95
C SER B 22 -4.03 -27.57 -19.79
N ALA B 23 -2.74 -27.23 -19.71
CA ALA B 23 -1.73 -28.00 -20.40
C ALA B 23 -1.41 -29.25 -19.58
N ASP B 24 -1.85 -29.29 -18.31
CA ASP B 24 -1.45 -30.37 -17.42
C ASP B 24 -2.55 -31.41 -17.24
N ARG B 25 -3.80 -31.05 -17.54
CA ARG B 25 -4.93 -31.81 -17.03
C ARG B 25 -6.20 -31.41 -17.75
N ARG B 26 -7.09 -32.39 -17.87
CA ARG B 26 -8.38 -32.18 -18.50
C ARG B 26 -9.45 -32.82 -17.63
N LEU B 27 -10.40 -32.00 -17.18
CA LEU B 27 -11.62 -32.52 -16.60
C LEU B 27 -12.78 -32.39 -17.57
N THR B 28 -13.70 -33.36 -17.49
CA THR B 28 -15.04 -33.23 -18.02
C THR B 28 -15.90 -32.39 -17.07
N GLY B 29 -17.13 -32.12 -17.50
CA GLY B 29 -18.11 -31.48 -16.64
C GLY B 29 -18.37 -32.29 -15.37
N ALA B 30 -18.55 -33.61 -15.53
CA ALA B 30 -18.77 -34.53 -14.43
C ALA B 30 -17.56 -34.60 -13.50
N GLU B 31 -16.36 -34.70 -14.08
CA GLU B 31 -15.14 -34.74 -13.29
C GLU B 31 -14.98 -33.42 -12.54
N THR B 32 -15.16 -32.31 -13.26
CA THR B 32 -15.02 -30.98 -12.69
C THR B 32 -15.99 -30.86 -11.53
N LEU B 33 -17.26 -31.18 -11.77
CA LEU B 33 -18.30 -31.05 -10.77
C LEU B 33 -17.94 -31.85 -9.52
N GLU B 34 -17.36 -33.03 -9.72
CA GLU B 34 -17.02 -33.91 -8.62
C GLU B 34 -15.90 -33.30 -7.75
N GLU B 35 -14.88 -32.70 -8.37
CA GLU B 35 -13.81 -32.07 -7.61
C GLU B 35 -14.36 -30.92 -6.78
N ILE B 36 -15.32 -30.17 -7.34
CA ILE B 36 -15.86 -29.03 -6.65
C ILE B 36 -16.55 -29.52 -5.38
N HIS B 37 -17.44 -30.52 -5.51
CA HIS B 37 -18.13 -31.04 -4.35
C HIS B 37 -17.13 -31.54 -3.30
N ARG B 38 -16.12 -32.31 -3.75
CA ARG B 38 -15.11 -32.87 -2.87
C ARG B 38 -14.36 -31.77 -2.13
N THR B 39 -13.84 -30.83 -2.92
CA THR B 39 -13.15 -29.67 -2.40
C THR B 39 -14.06 -28.91 -1.43
N ALA B 40 -15.34 -28.75 -1.74
CA ALA B 40 -16.23 -27.95 -0.92
C ALA B 40 -16.44 -28.64 0.43
N ARG B 41 -16.66 -29.94 0.40
CA ARG B 41 -16.82 -30.73 1.62
C ARG B 41 -15.53 -30.66 2.46
N ALA B 42 -14.37 -30.71 1.78
CA ALA B 42 -13.08 -30.65 2.42
C ALA B 42 -12.88 -29.31 3.14
N LEU B 43 -13.23 -28.21 2.49
CA LEU B 43 -13.16 -26.89 3.09
C LEU B 43 -14.12 -26.83 4.28
N ALA B 44 -15.30 -27.45 4.14
CA ALA B 44 -16.29 -27.42 5.22
C ALA B 44 -15.75 -28.21 6.41
N ALA B 45 -15.06 -29.31 6.13
CA ALA B 45 -14.48 -30.13 7.18
C ALA B 45 -13.43 -29.34 7.95
N GLN B 46 -12.74 -28.42 7.29
CA GLN B 46 -11.67 -27.66 7.91
C GLN B 46 -12.25 -26.53 8.73
N GLY B 47 -13.57 -26.33 8.66
CA GLY B 47 -14.26 -25.42 9.58
C GLY B 47 -14.89 -24.21 8.89
N LEU B 48 -14.51 -23.96 7.63
CA LEU B 48 -15.00 -22.80 6.90
C LEU B 48 -16.51 -22.85 6.86
N ARG B 49 -17.15 -21.72 7.18
CA ARG B 49 -18.60 -21.59 7.13
C ARG B 49 -18.95 -20.39 6.24
N PRO B 50 -20.26 -20.17 5.96
CA PRO B 50 -20.70 -19.00 5.22
C PRO B 50 -20.19 -17.69 5.82
N GLY B 51 -19.65 -16.82 4.94
CA GLY B 51 -19.14 -15.53 5.33
C GLY B 51 -17.62 -15.56 5.59
N ASP B 52 -17.02 -16.75 5.68
CA ASP B 52 -15.62 -16.82 6.04
C ASP B 52 -14.78 -16.47 4.81
N GLY B 53 -13.68 -15.77 5.04
CA GLY B 53 -12.84 -15.30 3.95
C GLY B 53 -11.81 -16.34 3.56
N VAL B 54 -11.65 -16.58 2.26
CA VAL B 54 -10.62 -17.53 1.86
C VAL B 54 -9.70 -16.82 0.87
N VAL B 55 -8.55 -16.37 1.37
CA VAL B 55 -7.60 -15.71 0.50
C VAL B 55 -6.85 -16.80 -0.23
N THR B 56 -6.52 -16.56 -1.50
CA THR B 56 -5.83 -17.57 -2.27
C THR B 56 -4.67 -16.94 -3.02
N LEU B 57 -3.71 -17.77 -3.39
CA LEU B 57 -2.56 -17.33 -4.15
C LEU B 57 -2.19 -18.46 -5.10
N HIS B 58 -2.60 -18.35 -6.36
CA HIS B 58 -2.39 -19.40 -7.35
C HIS B 58 -2.41 -18.77 -8.74
N GLY B 59 -1.80 -19.46 -9.70
CA GLY B 59 -1.96 -19.12 -11.11
C GLY B 59 -3.29 -19.65 -11.66
N ASN B 60 -3.23 -20.10 -12.92
CA ASN B 60 -4.41 -20.51 -13.65
C ASN B 60 -4.38 -22.02 -13.89
N GLY B 61 -4.11 -22.80 -12.84
CA GLY B 61 -4.34 -24.23 -12.93
C GLY B 61 -5.82 -24.57 -12.91
N VAL B 62 -6.11 -25.82 -13.27
CA VAL B 62 -7.46 -26.32 -13.13
C VAL B 62 -7.81 -26.27 -11.64
N GLU B 63 -6.83 -26.52 -10.79
CA GLU B 63 -7.11 -26.60 -9.36
C GLU B 63 -7.61 -25.22 -8.91
N ALA B 64 -7.08 -24.17 -9.51
CA ALA B 64 -7.52 -22.83 -9.12
C ALA B 64 -9.03 -22.62 -9.37
N VAL B 65 -9.55 -23.17 -10.46
CA VAL B 65 -10.93 -22.87 -10.83
C VAL B 65 -11.85 -23.66 -9.91
N VAL B 66 -11.51 -24.93 -9.71
CA VAL B 66 -12.28 -25.83 -8.85
C VAL B 66 -12.35 -25.17 -7.46
N LEU B 67 -11.18 -24.70 -7.01
CA LEU B 67 -11.05 -24.02 -5.74
C LEU B 67 -12.01 -22.83 -5.66
N ARG B 68 -11.90 -21.91 -6.61
CA ARG B 68 -12.75 -20.69 -6.60
C ARG B 68 -14.21 -21.05 -6.52
N ILE B 69 -14.62 -22.07 -7.26
CA ILE B 69 -16.03 -22.36 -7.32
C ILE B 69 -16.46 -22.98 -6.00
N ALA B 70 -15.61 -23.88 -5.48
CA ALA B 70 -15.93 -24.62 -4.27
C ALA B 70 -16.13 -23.63 -3.12
N VAL B 71 -15.25 -22.62 -3.05
CA VAL B 71 -15.24 -21.69 -1.94
C VAL B 71 -16.57 -20.97 -1.92
N GLN B 72 -16.97 -20.53 -3.12
CA GLN B 72 -18.20 -19.76 -3.26
C GLN B 72 -19.42 -20.67 -3.04
N LEU B 73 -19.31 -21.95 -3.41
CA LEU B 73 -20.43 -22.86 -3.25
C LEU B 73 -20.82 -22.99 -1.76
N LEU B 74 -19.81 -23.07 -0.88
CA LEU B 74 -20.00 -23.08 0.56
C LEU B 74 -20.61 -21.80 1.07
N GLY B 75 -20.43 -20.71 0.33
CA GLY B 75 -20.97 -19.40 0.69
C GLY B 75 -19.91 -18.53 1.36
N CYS B 76 -18.67 -19.01 1.31
CA CYS B 76 -17.51 -18.27 1.79
C CYS B 76 -17.21 -17.10 0.86
N ARG B 77 -16.29 -16.23 1.28
CA ARG B 77 -15.89 -15.07 0.51
C ARG B 77 -14.51 -15.33 -0.08
N TYR B 78 -14.46 -15.71 -1.37
CA TYR B 78 -13.23 -15.89 -2.12
C TYR B 78 -12.52 -14.56 -2.33
N ALA B 79 -11.22 -14.53 -2.05
CA ALA B 79 -10.41 -13.33 -2.18
C ALA B 79 -9.07 -13.69 -2.81
N GLY B 80 -8.96 -13.50 -4.11
CA GLY B 80 -7.85 -14.04 -4.87
C GLY B 80 -6.78 -12.99 -5.13
N LEU B 81 -5.58 -13.27 -4.61
CA LEU B 81 -4.44 -12.42 -4.87
C LEU B 81 -3.88 -12.80 -6.22
N ARG B 82 -3.69 -11.79 -7.05
CA ARG B 82 -3.03 -12.01 -8.35
C ARG B 82 -1.57 -12.30 -8.08
N PRO B 83 -0.92 -13.21 -8.83
CA PRO B 83 0.51 -13.44 -8.65
C PRO B 83 1.29 -12.17 -8.96
N VAL B 84 0.82 -11.39 -9.94
CA VAL B 84 1.62 -10.29 -10.50
C VAL B 84 1.89 -9.24 -9.42
N PHE B 85 0.87 -8.92 -8.61
CA PHE B 85 0.99 -7.98 -7.50
C PHE B 85 2.32 -8.15 -6.76
N ALA B 86 2.93 -7.02 -6.40
CA ALA B 86 4.02 -7.01 -5.42
C ALA B 86 3.56 -7.65 -4.12
N THR B 87 4.52 -8.28 -3.44
CA THR B 87 4.28 -9.14 -2.30
C THR B 87 3.78 -8.30 -1.12
N ARG B 88 4.22 -7.03 -1.04
CA ARG B 88 3.78 -6.14 0.02
C ARG B 88 2.29 -5.85 -0.17
N GLU B 89 1.84 -5.69 -1.43
CA GLU B 89 0.46 -5.37 -1.69
C GLU B 89 -0.40 -6.56 -1.26
N LYS B 90 0.12 -7.78 -1.44
CA LYS B 90 -0.60 -9.00 -1.08
C LYS B 90 -0.85 -9.08 0.43
N ALA B 91 0.22 -8.83 1.18
CA ALA B 91 0.17 -8.84 2.64
C ALA B 91 -0.90 -7.87 3.12
N ASN B 92 -0.92 -6.67 2.53
CA ASN B 92 -1.83 -5.61 2.97
C ASN B 92 -3.27 -6.06 2.71
N PHE B 93 -3.45 -6.80 1.60
CA PHE B 93 -4.77 -7.33 1.25
C PHE B 93 -5.17 -8.45 2.21
N LEU B 94 -4.24 -9.40 2.40
CA LEU B 94 -4.47 -10.53 3.29
C LEU B 94 -4.82 -10.07 4.70
N ALA B 95 -4.17 -8.97 5.15
CA ALA B 95 -4.41 -8.38 6.44
C ALA B 95 -5.81 -7.75 6.49
N GLU B 96 -6.13 -6.98 5.45
CA GLU B 96 -7.41 -6.33 5.35
C GLU B 96 -8.52 -7.38 5.41
N ALA B 97 -8.29 -8.56 4.81
CA ALA B 97 -9.29 -9.63 4.79
C ALA B 97 -9.39 -10.34 6.14
N GLU B 98 -10.63 -10.49 6.63
CA GLU B 98 -10.88 -11.24 7.86
C GLU B 98 -10.74 -12.73 7.48
N ALA B 99 -9.49 -13.10 7.14
CA ALA B 99 -9.17 -14.34 6.44
C ALA B 99 -9.22 -15.52 7.42
N ALA B 100 -10.03 -16.53 7.05
CA ALA B 100 -10.27 -17.74 7.82
C ALA B 100 -9.49 -18.92 7.23
N ALA B 101 -8.92 -18.74 6.03
CA ALA B 101 -8.09 -19.75 5.41
C ALA B 101 -7.22 -19.08 4.36
N PHE B 102 -6.07 -19.70 4.10
CA PHE B 102 -5.21 -19.22 3.06
C PHE B 102 -4.82 -20.42 2.19
N VAL B 103 -5.08 -20.33 0.89
CA VAL B 103 -4.91 -21.45 -0.01
C VAL B 103 -3.91 -21.02 -1.09
N TYR B 104 -2.83 -21.78 -1.23
CA TYR B 104 -1.72 -21.35 -2.07
C TYR B 104 -1.32 -22.49 -2.99
N GLN B 105 -0.78 -22.11 -4.15
CA GLN B 105 -0.15 -23.04 -5.07
C GLN B 105 1.21 -23.44 -4.49
N PRO B 106 1.55 -24.74 -4.42
CA PRO B 106 2.88 -25.20 -3.98
C PRO B 106 4.11 -24.46 -4.51
N ASP B 107 4.22 -24.28 -5.82
CA ASP B 107 5.40 -23.65 -6.39
C ASP B 107 5.49 -22.16 -6.00
N MET B 108 4.51 -21.66 -5.23
CA MET B 108 4.55 -20.30 -4.71
C MET B 108 4.69 -20.35 -3.19
N ALA B 109 5.26 -21.44 -2.66
CA ALA B 109 5.29 -21.71 -1.24
C ALA B 109 6.18 -20.70 -0.49
N ASP B 110 7.23 -20.22 -1.19
CA ASP B 110 8.08 -19.15 -0.67
C ASP B 110 7.22 -17.97 -0.24
N GLU B 111 6.54 -17.40 -1.23
CA GLU B 111 5.72 -16.21 -1.06
C GLU B 111 4.67 -16.45 0.01
N ALA B 112 4.13 -17.66 0.06
CA ALA B 112 3.13 -18.02 1.05
C ALA B 112 3.65 -17.76 2.46
N ALA B 113 4.92 -18.07 2.71
CA ALA B 113 5.45 -18.03 4.07
C ALA B 113 5.80 -16.60 4.45
N GLU B 114 6.23 -15.79 3.47
CA GLU B 114 6.47 -14.37 3.70
C GLU B 114 5.15 -13.69 4.10
N LEU B 115 4.03 -14.05 3.45
CA LEU B 115 2.74 -13.43 3.71
C LEU B 115 2.17 -13.96 5.02
N LEU B 116 2.48 -15.20 5.37
CA LEU B 116 1.80 -15.86 6.48
C LEU B 116 2.52 -15.56 7.80
N ARG B 117 3.82 -15.27 7.71
CA ARG B 117 4.58 -14.73 8.82
C ARG B 117 4.06 -13.33 9.12
N GLU B 118 3.75 -12.60 8.03
CA GLU B 118 3.31 -11.22 8.09
C GLU B 118 1.84 -11.15 8.52
N VAL B 119 1.02 -12.10 8.05
CA VAL B 119 -0.34 -12.21 8.52
C VAL B 119 -0.57 -13.67 8.93
N PRO B 120 -0.35 -14.03 10.21
CA PRO B 120 -0.72 -15.36 10.68
C PRO B 120 -2.21 -15.59 10.40
N THR B 121 -2.47 -16.62 9.59
CA THR B 121 -3.82 -17.04 9.25
C THR B 121 -3.96 -18.49 9.69
N PRO B 122 -5.16 -18.91 10.13
CA PRO B 122 -5.46 -20.33 10.30
C PRO B 122 -5.76 -21.01 8.96
N ARG B 123 -5.98 -22.32 8.99
CA ARG B 123 -6.33 -23.12 7.82
C ARG B 123 -5.48 -22.74 6.62
N VAL B 124 -4.17 -22.88 6.76
CA VAL B 124 -3.28 -22.77 5.62
C VAL B 124 -3.43 -24.03 4.77
N LEU B 125 -3.68 -23.87 3.47
CA LEU B 125 -4.00 -25.01 2.62
C LEU B 125 -3.26 -24.93 1.30
N SER B 126 -2.85 -26.11 0.80
CA SER B 126 -2.02 -26.21 -0.39
C SER B 126 -2.73 -26.98 -1.50
N LEU B 127 -2.58 -26.54 -2.75
CA LEU B 127 -3.18 -27.24 -3.88
C LEU B 127 -2.17 -28.25 -4.42
N GLY B 128 -1.96 -29.27 -3.58
CA GLY B 128 -0.96 -30.30 -3.81
C GLY B 128 0.16 -30.24 -2.78
N PRO B 129 1.01 -31.30 -2.73
CA PRO B 129 2.13 -31.40 -1.79
C PRO B 129 2.91 -30.10 -1.61
N ALA B 130 3.12 -29.70 -0.34
CA ALA B 130 3.64 -28.38 -0.06
C ALA B 130 4.17 -28.26 1.37
N PRO B 131 5.26 -27.46 1.60
CA PRO B 131 5.83 -27.25 2.92
C PRO B 131 4.89 -26.82 4.05
N LEU B 132 3.83 -26.07 3.70
CA LEU B 132 3.01 -25.38 4.70
C LEU B 132 1.55 -25.84 4.63
N GLY B 133 0.94 -25.93 5.82
CA GLY B 133 -0.45 -26.33 5.95
C GLY B 133 -0.71 -27.75 5.46
N GLU B 134 -1.99 -28.12 5.47
CA GLU B 134 -2.46 -29.38 4.89
C GLU B 134 -2.58 -29.23 3.38
N ASP B 135 -2.66 -30.38 2.69
CA ASP B 135 -2.80 -30.45 1.25
C ASP B 135 -4.28 -30.71 0.92
N LEU B 136 -4.87 -29.73 0.22
CA LEU B 136 -6.32 -29.63 0.04
C LEU B 136 -6.78 -30.59 -1.06
N VAL B 137 -5.92 -30.80 -2.06
CA VAL B 137 -6.18 -31.73 -3.14
C VAL B 137 -6.26 -33.14 -2.60
N ALA B 138 -5.35 -33.45 -1.64
CA ALA B 138 -5.38 -34.70 -0.90
C ALA B 138 -6.66 -34.80 -0.07
N LEU B 139 -7.01 -33.73 0.66
CA LEU B 139 -8.15 -33.78 1.56
C LEU B 139 -9.45 -34.01 0.78
N ALA B 140 -9.50 -33.42 -0.43
CA ALA B 140 -10.66 -33.52 -1.28
C ALA B 140 -10.72 -34.94 -1.83
N GLY B 141 -9.54 -35.44 -2.22
CA GLY B 141 -9.33 -36.81 -2.67
C GLY B 141 -10.11 -37.82 -1.82
N ALA B 142 -10.04 -37.68 -0.50
CA ALA B 142 -10.66 -38.65 0.39
C ALA B 142 -12.06 -38.22 0.82
N GLN B 143 -12.73 -37.37 0.05
CA GLN B 143 -14.01 -36.83 0.45
C GLN B 143 -15.08 -37.35 -0.52
N SER B 144 -16.34 -37.35 -0.08
CA SER B 144 -17.43 -37.78 -0.96
C SER B 144 -17.71 -36.70 -2.00
N ALA B 145 -18.17 -37.14 -3.18
CA ALA B 145 -18.47 -36.25 -4.27
C ALA B 145 -19.97 -35.95 -4.31
N GLU B 146 -20.65 -36.21 -3.16
CA GLU B 146 -22.08 -35.95 -3.05
C GLU B 146 -22.32 -34.45 -3.30
N PRO B 147 -23.24 -34.05 -4.19
CA PRO B 147 -23.51 -32.63 -4.40
C PRO B 147 -23.74 -31.87 -3.09
N VAL B 148 -23.23 -30.63 -3.07
CA VAL B 148 -23.36 -29.67 -1.99
C VAL B 148 -24.27 -28.54 -2.48
N GLU B 149 -25.45 -28.31 -1.87
CA GLU B 149 -26.36 -27.32 -2.42
C GLU B 149 -25.98 -25.91 -1.91
N PHE B 150 -26.01 -24.90 -2.79
CA PHE B 150 -25.73 -23.53 -2.38
C PHE B 150 -26.90 -23.03 -1.55
N THR B 151 -26.58 -22.50 -0.35
CA THR B 151 -27.59 -22.28 0.66
C THR B 151 -27.57 -20.84 1.15
N ALA B 152 -26.48 -20.12 0.84
CA ALA B 152 -26.21 -18.82 1.43
C ALA B 152 -27.10 -17.75 0.81
N ASP B 153 -27.00 -16.54 1.38
CA ASP B 153 -27.71 -15.35 0.91
C ASP B 153 -27.13 -14.95 -0.46
N GLU B 154 -27.96 -15.07 -1.51
CA GLU B 154 -27.57 -14.74 -2.87
C GLU B 154 -27.03 -13.31 -2.95
N ARG B 155 -27.35 -12.50 -1.95
CA ARG B 155 -26.99 -11.08 -1.96
C ARG B 155 -25.70 -10.83 -1.18
N ALA B 156 -25.15 -11.84 -0.48
CA ALA B 156 -23.95 -11.66 0.32
C ALA B 156 -22.70 -12.03 -0.49
N ALA B 157 -21.61 -11.30 -0.23
CA ALA B 157 -20.47 -11.31 -1.13
C ALA B 157 -19.76 -12.65 -1.05
N THR B 158 -19.44 -13.19 -2.23
CA THR B 158 -18.83 -14.51 -2.38
C THR B 158 -17.43 -14.35 -2.98
N ALA B 159 -17.12 -13.13 -3.42
CA ALA B 159 -15.89 -12.90 -4.16
C ALA B 159 -15.39 -11.49 -3.85
N VAL B 160 -14.06 -11.35 -3.84
CA VAL B 160 -13.42 -10.05 -3.67
C VAL B 160 -12.29 -9.96 -4.68
N GLY B 161 -12.31 -8.89 -5.47
CA GLY B 161 -11.32 -8.70 -6.52
C GLY B 161 -10.51 -7.44 -6.23
N PHE B 162 -9.20 -7.59 -6.27
CA PHE B 162 -8.32 -6.48 -5.87
C PHE B 162 -8.00 -5.65 -7.10
N THR B 163 -8.24 -4.35 -6.97
CA THR B 163 -7.97 -3.40 -8.07
C THR B 163 -6.90 -2.41 -7.59
N ALA B 170 -5.48 0.52 -4.43
CA ALA B 170 -5.46 -0.80 -3.73
C ALA B 170 -6.78 -1.04 -3.00
N LYS B 171 -7.71 -1.79 -3.63
CA LYS B 171 -9.00 -2.07 -3.01
C LYS B 171 -9.67 -3.36 -3.51
N GLY B 172 -10.39 -3.97 -2.60
CA GLY B 172 -11.12 -5.17 -2.92
C GLY B 172 -12.54 -4.82 -3.31
N VAL B 173 -12.99 -5.38 -4.44
CA VAL B 173 -14.32 -5.17 -4.96
C VAL B 173 -15.11 -6.41 -4.59
N CYS B 174 -16.11 -6.24 -3.74
CA CYS B 174 -16.95 -7.35 -3.31
C CYS B 174 -18.07 -7.58 -4.31
N ARG B 175 -18.34 -8.87 -4.55
CA ARG B 175 -19.37 -9.31 -5.48
C ARG B 175 -20.16 -10.45 -4.85
N ALA B 176 -21.48 -10.36 -5.06
CA ALA B 176 -22.38 -11.38 -4.59
C ALA B 176 -22.93 -12.19 -5.78
N PRO B 177 -23.40 -13.42 -5.55
CA PRO B 177 -24.05 -14.20 -6.60
C PRO B 177 -25.02 -13.34 -7.43
N PHE B 178 -25.87 -12.58 -6.74
CA PHE B 178 -26.82 -11.68 -7.40
C PHE B 178 -26.18 -10.93 -8.58
N ASP B 179 -25.12 -10.18 -8.29
CA ASP B 179 -24.48 -9.32 -9.28
C ASP B 179 -23.60 -10.14 -10.22
N LEU B 180 -23.23 -11.33 -9.79
CA LEU B 180 -22.42 -12.22 -10.60
C LEU B 180 -23.28 -12.93 -11.65
N GLU B 181 -24.51 -13.28 -11.29
CA GLU B 181 -25.38 -13.90 -12.27
C GLU B 181 -25.74 -12.83 -13.30
N ALA B 182 -25.85 -11.56 -12.87
CA ALA B 182 -26.16 -10.53 -13.83
C ALA B 182 -24.99 -10.31 -14.78
N CYS B 183 -23.76 -10.45 -14.26
CA CYS B 183 -22.55 -10.43 -15.06
C CYS B 183 -22.54 -11.58 -16.04
N LEU B 184 -22.96 -12.77 -15.59
CA LEU B 184 -23.10 -13.94 -16.47
C LEU B 184 -24.02 -13.58 -17.64
N ASP B 185 -25.22 -13.09 -17.31
CA ASP B 185 -26.26 -12.74 -18.26
C ASP B 185 -25.74 -11.80 -19.34
N ALA B 186 -24.86 -10.88 -18.95
CA ALA B 186 -24.35 -9.87 -19.86
C ALA B 186 -23.33 -10.50 -20.80
N SER B 187 -22.56 -11.45 -20.27
CA SER B 187 -21.54 -12.15 -21.01
C SER B 187 -22.14 -12.91 -22.19
N LEU B 188 -23.34 -13.48 -21.96
CA LEU B 188 -24.05 -14.24 -22.98
C LEU B 188 -24.51 -13.29 -24.07
N THR B 189 -24.80 -12.04 -23.68
CA THR B 189 -25.16 -11.03 -24.65
C THR B 189 -23.93 -10.71 -25.45
N ILE B 190 -22.80 -10.48 -24.78
CA ILE B 190 -21.57 -10.05 -25.44
C ILE B 190 -21.05 -11.21 -26.29
N PHE B 191 -20.75 -12.31 -25.61
CA PHE B 191 -19.99 -13.40 -26.21
C PHE B 191 -20.86 -14.33 -27.05
N GLY B 192 -22.18 -14.16 -26.93
CA GLY B 192 -23.12 -15.01 -27.64
C GLY B 192 -23.51 -16.21 -26.79
N GLU B 193 -24.36 -17.07 -27.33
CA GLU B 193 -24.89 -18.15 -26.53
C GLU B 193 -23.75 -19.14 -26.31
N GLY B 194 -23.85 -19.92 -25.23
CA GLY B 194 -22.94 -21.03 -25.03
C GLY B 194 -23.34 -22.27 -25.85
N PRO B 195 -22.59 -23.38 -25.73
CA PRO B 195 -21.33 -23.42 -24.99
C PRO B 195 -20.22 -22.71 -25.76
N TRP B 196 -19.30 -22.07 -25.01
CA TRP B 196 -18.08 -21.49 -25.55
C TRP B 196 -16.91 -22.43 -25.32
N ARG B 197 -15.85 -22.29 -26.11
CA ARG B 197 -14.56 -22.87 -25.76
C ARG B 197 -13.61 -21.71 -25.54
N PHE B 198 -13.51 -21.29 -24.27
CA PHE B 198 -13.04 -19.94 -23.93
C PHE B 198 -11.60 -20.00 -23.45
N LEU B 199 -10.69 -19.31 -24.14
CA LEU B 199 -9.29 -19.28 -23.76
C LEU B 199 -9.10 -18.17 -22.73
N VAL B 200 -8.81 -18.56 -21.49
CA VAL B 200 -8.66 -17.65 -20.36
C VAL B 200 -7.18 -17.62 -20.01
N CYS B 201 -6.55 -16.46 -20.26
CA CYS B 201 -5.13 -16.26 -19.96
C CYS B 201 -4.98 -14.99 -19.13
N ILE B 202 -6.01 -14.81 -18.29
CA ILE B 202 -6.18 -13.75 -17.35
C ILE B 202 -6.27 -14.44 -15.99
N PRO B 203 -5.79 -13.80 -14.90
CA PRO B 203 -5.83 -14.45 -13.59
C PRO B 203 -7.19 -14.96 -13.12
N ILE B 204 -7.18 -16.24 -12.69
CA ILE B 204 -8.32 -16.82 -12.04
C ILE B 204 -8.64 -16.05 -10.77
N ALA B 205 -7.60 -15.48 -10.14
CA ALA B 205 -7.76 -14.73 -8.90
C ALA B 205 -8.89 -13.69 -9.00
N ASP B 206 -9.09 -13.08 -10.18
CA ASP B 206 -10.23 -12.19 -10.35
C ASP B 206 -10.92 -12.45 -11.70
N LEU B 207 -10.62 -11.67 -12.74
CA LEU B 207 -11.53 -11.59 -13.87
C LEU B 207 -11.46 -12.88 -14.67
N GLY B 208 -10.29 -13.49 -14.73
CA GLY B 208 -10.16 -14.78 -15.37
C GLY B 208 -11.07 -15.83 -14.72
N GLY B 209 -11.23 -15.75 -13.39
CA GLY B 209 -12.00 -16.70 -12.61
C GLY B 209 -13.49 -16.57 -12.86
N GLU B 210 -13.95 -15.32 -12.96
CA GLU B 210 -15.36 -15.04 -13.27
C GLU B 210 -15.71 -15.53 -14.67
N MET B 211 -14.82 -15.21 -15.61
CA MET B 211 -14.94 -15.67 -16.97
C MET B 211 -14.96 -17.20 -17.04
N ALA B 212 -14.18 -17.87 -16.18
CA ALA B 212 -14.21 -19.32 -16.07
C ALA B 212 -15.61 -19.77 -15.66
N GLU B 213 -16.14 -19.10 -14.62
CA GLU B 213 -17.44 -19.40 -14.05
C GLU B 213 -18.50 -19.29 -15.12
N TRP B 214 -18.40 -18.19 -15.89
CA TRP B 214 -19.42 -17.92 -16.90
C TRP B 214 -19.36 -19.02 -17.95
N THR B 215 -18.16 -19.39 -18.37
CA THR B 215 -17.98 -20.37 -19.44
C THR B 215 -18.64 -21.68 -19.07
N LEU B 216 -18.38 -22.09 -17.83
CA LEU B 216 -18.84 -23.37 -17.34
C LEU B 216 -20.35 -23.31 -17.21
N ALA B 217 -20.86 -22.16 -16.74
CA ALA B 217 -22.28 -21.94 -16.49
C ALA B 217 -23.04 -22.10 -17.79
N ALA B 218 -22.45 -21.58 -18.88
CA ALA B 218 -23.07 -21.63 -20.19
C ALA B 218 -22.77 -22.96 -20.88
N GLY B 219 -22.05 -23.82 -20.14
CA GLY B 219 -21.94 -25.25 -20.44
C GLY B 219 -20.73 -25.54 -21.31
N GLY B 220 -19.74 -24.64 -21.21
CA GLY B 220 -18.65 -24.60 -22.17
C GLY B 220 -17.36 -25.21 -21.61
N THR B 221 -16.25 -24.79 -22.20
CA THR B 221 -14.92 -25.34 -21.95
C THR B 221 -13.96 -24.18 -21.70
N VAL B 222 -13.29 -24.19 -20.55
CA VAL B 222 -12.33 -23.16 -20.26
C VAL B 222 -10.97 -23.70 -20.68
N VAL B 223 -10.26 -22.98 -21.53
CA VAL B 223 -8.88 -23.33 -21.85
C VAL B 223 -7.93 -22.40 -21.07
N LEU B 224 -7.21 -22.96 -20.08
CA LEU B 224 -6.46 -22.12 -19.15
C LEU B 224 -5.05 -21.96 -19.67
N ARG B 225 -4.58 -20.71 -19.68
CA ARG B 225 -3.17 -20.39 -19.79
C ARG B 225 -2.80 -19.41 -18.68
N GLU B 226 -1.52 -19.38 -18.35
CA GLU B 226 -1.04 -18.67 -17.19
C GLU B 226 -1.02 -17.18 -17.48
N ASP B 227 -0.81 -16.84 -18.75
CA ASP B 227 -0.59 -15.47 -19.17
C ASP B 227 -0.62 -15.46 -20.69
N PHE B 228 -0.53 -14.25 -21.26
CA PHE B 228 -0.60 -14.07 -22.70
C PHE B 228 0.81 -14.03 -23.26
N GLU B 229 1.16 -15.03 -24.08
CA GLU B 229 2.31 -14.95 -24.96
C GLU B 229 1.80 -15.32 -26.36
N PRO B 230 1.91 -14.41 -27.35
CA PRO B 230 1.11 -14.52 -28.57
C PRO B 230 1.28 -15.83 -29.35
N ALA B 231 2.49 -16.38 -29.31
CA ALA B 231 2.82 -17.57 -30.07
C ALA B 231 2.13 -18.78 -29.46
N ASP B 232 2.18 -18.91 -28.13
CA ASP B 232 1.46 -19.99 -27.47
C ASP B 232 -0.02 -19.81 -27.74
N ILE B 233 -0.51 -18.56 -27.70
CA ILE B 233 -1.94 -18.34 -27.77
C ILE B 233 -2.44 -18.70 -29.16
N LEU B 234 -1.64 -18.43 -30.21
CA LEU B 234 -2.05 -18.77 -31.55
C LEU B 234 -2.07 -20.30 -31.70
N ALA B 235 -1.05 -20.98 -31.15
CA ALA B 235 -1.04 -22.44 -31.14
C ALA B 235 -2.29 -22.95 -30.41
N THR B 236 -2.53 -22.45 -29.19
CA THR B 236 -3.66 -22.89 -28.37
C THR B 236 -5.01 -22.72 -29.06
N ILE B 237 -5.22 -21.63 -29.79
CA ILE B 237 -6.46 -21.47 -30.52
C ILE B 237 -6.65 -22.66 -31.47
N GLY B 238 -5.65 -22.92 -32.32
CA GLY B 238 -5.70 -24.03 -33.26
C GLY B 238 -5.89 -25.38 -32.56
N ALA B 239 -5.02 -25.67 -31.60
CA ALA B 239 -4.96 -26.98 -31.00
C ALA B 239 -6.18 -27.23 -30.10
N GLU B 240 -6.71 -26.19 -29.45
CA GLU B 240 -7.85 -26.40 -28.56
C GLU B 240 -9.16 -25.96 -29.19
N ARG B 241 -9.08 -25.40 -30.40
CA ARG B 241 -10.28 -25.05 -31.16
C ARG B 241 -11.11 -24.04 -30.35
N THR B 242 -10.44 -23.01 -29.81
CA THR B 242 -11.15 -22.05 -28.98
C THR B 242 -12.15 -21.21 -29.78
N THR B 243 -13.24 -20.82 -29.10
CA THR B 243 -14.25 -19.97 -29.69
C THR B 243 -14.04 -18.52 -29.28
N HIS B 244 -13.39 -18.31 -28.14
CA HIS B 244 -13.17 -16.97 -27.62
C HIS B 244 -11.79 -16.93 -26.99
N VAL B 245 -11.10 -15.81 -27.16
CA VAL B 245 -10.01 -15.45 -26.27
C VAL B 245 -10.14 -13.98 -25.89
N PHE B 246 -10.24 -13.70 -24.59
CA PHE B 246 -10.34 -12.33 -24.13
C PHE B 246 -8.96 -11.72 -24.08
N CYS B 247 -8.84 -10.54 -24.71
CA CYS B 247 -7.57 -9.87 -24.87
C CYS B 247 -7.59 -8.46 -24.30
N ALA B 248 -6.45 -8.06 -23.72
CA ALA B 248 -6.08 -6.65 -23.70
C ALA B 248 -5.93 -6.20 -25.16
N PRO B 249 -6.21 -4.93 -25.49
CA PRO B 249 -6.06 -4.47 -26.87
C PRO B 249 -4.63 -4.63 -27.42
N GLY B 250 -3.60 -4.34 -26.62
CA GLY B 250 -2.23 -4.60 -27.01
C GLY B 250 -2.04 -6.04 -27.48
N TRP B 251 -2.66 -6.98 -26.74
CA TRP B 251 -2.58 -8.40 -27.06
C TRP B 251 -3.15 -8.63 -28.46
N VAL B 252 -4.26 -7.94 -28.75
CA VAL B 252 -4.87 -8.11 -30.05
C VAL B 252 -3.82 -7.76 -31.11
N TYR B 253 -3.05 -6.68 -30.91
CA TYR B 253 -2.08 -6.25 -31.91
C TYR B 253 -0.95 -7.29 -31.99
N GLN B 254 -0.53 -7.82 -30.84
CA GLN B 254 0.55 -8.80 -30.81
C GLN B 254 0.19 -10.02 -31.66
N LEU B 255 -1.07 -10.47 -31.57
CA LEU B 255 -1.56 -11.58 -32.39
C LEU B 255 -1.55 -11.20 -33.85
N ALA B 256 -2.08 -10.03 -34.17
CA ALA B 256 -2.43 -9.72 -35.54
C ALA B 256 -1.15 -9.50 -36.35
N GLU B 257 -0.06 -9.17 -35.67
CA GLU B 257 1.19 -8.79 -36.32
C GLU B 257 2.23 -9.90 -36.23
N HIS B 258 1.93 -10.94 -35.45
CA HIS B 258 2.88 -11.98 -35.13
C HIS B 258 3.18 -12.82 -36.37
N PRO B 259 4.47 -13.11 -36.67
CA PRO B 259 4.86 -13.72 -37.95
C PRO B 259 4.15 -15.04 -38.23
N ALA B 260 3.94 -15.79 -37.12
CA ALA B 260 3.35 -17.11 -37.13
C ALA B 260 1.82 -17.08 -37.23
N LEU B 261 1.19 -15.90 -37.42
CA LEU B 261 -0.26 -15.84 -37.60
C LEU B 261 -0.67 -16.59 -38.86
N ALA B 262 0.21 -16.54 -39.88
CA ALA B 262 -0.12 -17.10 -41.18
C ALA B 262 -0.24 -18.63 -41.10
N ASP B 263 0.56 -19.27 -40.24
CA ASP B 263 0.57 -20.72 -40.05
C ASP B 263 -0.50 -21.16 -39.04
N ALA B 264 -0.95 -20.27 -38.14
CA ALA B 264 -1.97 -20.60 -37.15
C ALA B 264 -3.34 -20.80 -37.80
N ASP B 265 -4.24 -21.49 -37.07
CA ASP B 265 -5.58 -21.81 -37.55
C ASP B 265 -6.61 -21.19 -36.62
N LEU B 266 -7.27 -20.11 -37.07
CA LEU B 266 -8.13 -19.31 -36.22
C LEU B 266 -9.62 -19.57 -36.49
N SER B 267 -9.88 -20.49 -37.41
CA SER B 267 -11.21 -20.74 -37.97
C SER B 267 -12.23 -21.10 -36.89
N SER B 268 -11.76 -21.62 -35.73
CA SER B 268 -12.61 -21.98 -34.59
C SER B 268 -13.19 -20.77 -33.87
N LEU B 269 -12.50 -19.62 -33.92
CA LEU B 269 -12.93 -18.46 -33.17
C LEU B 269 -14.29 -18.00 -33.67
N THR B 270 -15.21 -17.78 -32.73
CA THR B 270 -16.39 -16.94 -32.91
C THR B 270 -16.01 -15.46 -32.75
N GLN B 271 -15.21 -15.19 -31.69
CA GLN B 271 -14.90 -13.85 -31.26
C GLN B 271 -13.48 -13.75 -30.71
N ILE B 272 -12.94 -12.53 -30.76
CA ILE B 272 -11.84 -12.13 -29.91
C ILE B 272 -12.28 -10.90 -29.15
N PRO B 273 -12.97 -11.03 -27.98
CA PRO B 273 -13.41 -9.87 -27.23
C PRO B 273 -12.16 -9.22 -26.62
N TYR B 274 -12.16 -7.89 -26.57
CA TYR B 274 -11.01 -7.15 -26.05
C TYR B 274 -11.53 -5.98 -25.23
N GLY B 275 -10.72 -5.54 -24.26
CA GLY B 275 -11.05 -4.38 -23.44
C GLY B 275 -10.16 -4.30 -22.21
N GLY B 276 -10.59 -3.57 -21.19
CA GLY B 276 -9.83 -3.42 -19.95
C GLY B 276 -8.94 -2.20 -19.98
N ALA B 277 -8.63 -1.72 -21.17
CA ALA B 277 -7.69 -0.60 -21.32
C ALA B 277 -7.98 0.07 -22.67
N PRO B 278 -7.51 1.31 -22.89
CA PRO B 278 -7.77 2.03 -24.14
C PRO B 278 -7.14 1.42 -25.40
N SER B 279 -7.94 1.20 -26.45
CA SER B 279 -7.46 0.69 -27.72
C SER B 279 -7.02 1.86 -28.59
N THR B 280 -6.18 1.53 -29.59
CA THR B 280 -5.82 2.46 -30.62
C THR B 280 -6.64 2.09 -31.86
N PRO B 281 -7.65 2.90 -32.23
CA PRO B 281 -8.54 2.56 -33.34
C PRO B 281 -7.81 2.12 -34.59
N ALA B 282 -6.78 2.88 -34.98
CA ALA B 282 -6.06 2.56 -36.21
C ALA B 282 -5.44 1.18 -36.10
N ARG B 283 -4.93 0.83 -34.90
CA ARG B 283 -4.37 -0.47 -34.65
C ARG B 283 -5.42 -1.58 -34.68
N ILE B 284 -6.61 -1.33 -34.13
CA ILE B 284 -7.69 -2.30 -34.19
C ILE B 284 -8.14 -2.50 -35.63
N ALA B 285 -8.15 -1.42 -36.41
CA ALA B 285 -8.37 -1.51 -37.85
C ALA B 285 -7.34 -2.43 -38.50
N ASP B 286 -6.05 -2.29 -38.18
CA ASP B 286 -5.03 -3.13 -38.78
C ASP B 286 -5.23 -4.58 -38.37
N ALA B 287 -5.55 -4.81 -37.08
CA ALA B 287 -5.80 -6.15 -36.58
C ALA B 287 -6.97 -6.76 -37.33
N LEU B 288 -7.97 -5.94 -37.62
CA LEU B 288 -9.14 -6.39 -38.34
C LEU B 288 -8.73 -6.79 -39.75
N GLU B 289 -7.96 -5.95 -40.46
CA GLU B 289 -7.50 -6.28 -41.80
C GLU B 289 -6.63 -7.54 -41.76
N LYS B 290 -5.76 -7.67 -40.75
CA LYS B 290 -4.76 -8.73 -40.73
C LYS B 290 -5.38 -10.07 -40.37
N LEU B 291 -6.39 -10.08 -39.51
CA LEU B 291 -7.25 -11.24 -39.35
C LEU B 291 -8.19 -11.07 -40.52
N GLY B 292 -9.02 -12.05 -40.88
CA GLY B 292 -9.74 -11.89 -42.14
C GLY B 292 -11.19 -11.45 -41.98
N ARG B 293 -11.64 -11.20 -40.74
CA ARG B 293 -13.07 -11.29 -40.48
C ARG B 293 -13.43 -10.56 -39.20
N PRO B 294 -14.74 -10.21 -39.03
CA PRO B 294 -15.21 -9.44 -37.87
C PRO B 294 -15.21 -10.35 -36.66
N LEU B 295 -14.04 -10.43 -36.04
CA LEU B 295 -13.87 -11.23 -34.84
C LEU B 295 -13.90 -10.33 -33.61
N LEU B 296 -13.51 -9.06 -33.79
CA LEU B 296 -13.19 -8.18 -32.67
C LEU B 296 -14.47 -7.61 -32.07
N VAL B 297 -14.53 -7.64 -30.75
CA VAL B 297 -15.67 -7.15 -30.00
C VAL B 297 -15.15 -6.34 -28.82
N HIS B 298 -15.43 -5.05 -28.85
CA HIS B 298 -14.92 -4.13 -27.81
C HIS B 298 -15.80 -4.22 -26.58
N CYS B 299 -15.17 -4.50 -25.45
CA CYS B 299 -15.91 -4.73 -24.19
C CYS B 299 -15.48 -3.70 -23.14
N TYR B 300 -16.39 -2.85 -22.71
CA TYR B 300 -16.08 -1.83 -21.67
C TYR B 300 -16.77 -2.23 -20.36
N GLY B 301 -15.95 -2.42 -19.35
CA GLY B 301 -16.49 -2.79 -18.05
C GLY B 301 -15.52 -2.43 -16.95
N SER B 302 -15.92 -2.70 -15.72
CA SER B 302 -15.07 -2.45 -14.54
C SER B 302 -15.40 -3.54 -13.53
N GLN B 303 -14.53 -3.74 -12.56
CA GLN B 303 -14.84 -4.70 -11.47
C GLN B 303 -15.99 -4.13 -10.65
N GLU B 304 -16.07 -2.80 -10.57
CA GLU B 304 -17.13 -2.13 -9.79
C GLU B 304 -18.46 -2.17 -10.57
N GLY B 305 -18.45 -1.89 -11.87
CA GLY B 305 -19.69 -1.79 -12.60
C GLY B 305 -20.03 -3.02 -13.43
N GLY B 306 -19.12 -3.99 -13.46
CA GLY B 306 -19.27 -5.12 -14.38
C GLY B 306 -19.24 -4.62 -15.82
N TRP B 307 -19.92 -5.34 -16.71
CA TRP B 307 -20.00 -4.91 -18.10
C TRP B 307 -20.92 -3.68 -18.25
N MET B 308 -20.43 -2.64 -18.94
CA MET B 308 -21.19 -1.42 -19.11
C MET B 308 -21.55 -1.26 -20.58
N THR B 309 -20.57 -1.37 -21.48
CA THR B 309 -20.88 -1.36 -22.90
C THR B 309 -20.06 -2.36 -23.70
N TRP B 310 -20.58 -2.66 -24.89
CA TRP B 310 -19.79 -3.43 -25.83
C TRP B 310 -20.06 -2.95 -27.26
N LEU B 311 -18.98 -2.90 -28.05
CA LEU B 311 -19.11 -2.69 -29.47
C LEU B 311 -19.08 -4.03 -30.18
N SER B 312 -20.17 -4.37 -30.89
CA SER B 312 -20.30 -5.69 -31.47
C SER B 312 -19.32 -5.85 -32.62
N ALA B 313 -19.16 -7.10 -33.07
CA ALA B 313 -18.28 -7.42 -34.18
C ALA B 313 -18.73 -6.71 -35.46
N GLU B 314 -20.05 -6.65 -35.65
CA GLU B 314 -20.66 -6.07 -36.84
C GLU B 314 -20.45 -4.57 -36.85
N ASP B 315 -20.43 -3.97 -35.66
CA ASP B 315 -20.28 -2.52 -35.54
C ASP B 315 -18.82 -2.15 -35.81
N HIS B 316 -17.89 -3.09 -35.65
CA HIS B 316 -16.52 -2.88 -36.09
C HIS B 316 -16.43 -2.65 -37.60
N VAL B 317 -17.39 -3.12 -38.39
CA VAL B 317 -17.29 -3.06 -39.85
C VAL B 317 -18.58 -2.49 -40.47
N ARG B 318 -19.42 -1.89 -39.65
CA ARG B 318 -20.59 -1.18 -40.11
C ARG B 318 -20.18 -0.25 -41.26
N ALA B 319 -20.96 -0.29 -42.33
CA ALA B 319 -20.60 0.33 -43.58
C ALA B 319 -20.74 1.87 -43.52
N ASP B 320 -21.74 2.32 -42.75
CA ASP B 320 -22.16 3.72 -42.78
C ASP B 320 -21.53 4.53 -41.63
N ARG B 321 -20.68 3.90 -40.79
CA ARG B 321 -20.08 4.56 -39.63
C ARG B 321 -18.68 4.05 -39.36
N TYR B 322 -17.83 4.89 -38.75
CA TYR B 322 -16.57 4.44 -38.17
C TYR B 322 -16.74 4.53 -36.66
N LEU B 323 -16.62 3.41 -35.98
CA LEU B 323 -17.04 3.34 -34.60
C LEU B 323 -15.90 2.84 -33.73
N LEU B 324 -14.68 2.79 -34.27
CA LEU B 324 -13.59 2.07 -33.61
C LEU B 324 -13.05 2.89 -32.44
N ASN B 325 -13.45 4.18 -32.36
CA ASN B 325 -13.16 4.99 -31.19
C ASN B 325 -14.34 4.96 -30.22
N SER B 326 -15.28 4.01 -30.39
CA SER B 326 -16.38 3.81 -29.45
C SER B 326 -16.19 2.50 -28.72
N VAL B 327 -16.71 2.50 -27.49
CA VAL B 327 -16.73 1.26 -26.65
C VAL B 327 -18.11 0.63 -26.83
N GLY B 328 -19.00 1.25 -27.64
CA GLY B 328 -20.22 0.58 -28.02
C GLY B 328 -21.41 1.05 -27.20
N LYS B 329 -22.43 0.19 -27.10
CA LYS B 329 -23.69 0.54 -26.49
C LYS B 329 -23.89 -0.16 -25.15
N ALA B 330 -24.85 0.37 -24.38
CA ALA B 330 -25.22 -0.12 -23.05
C ALA B 330 -25.65 -1.58 -23.16
N LEU B 331 -25.30 -2.38 -22.18
CA LEU B 331 -25.86 -3.70 -22.11
C LEU B 331 -27.32 -3.66 -21.67
N PRO B 332 -28.15 -4.64 -22.12
CA PRO B 332 -29.54 -4.74 -21.66
C PRO B 332 -29.58 -4.52 -20.15
N GLY B 333 -30.43 -3.61 -19.69
CA GLY B 333 -30.59 -3.35 -18.27
C GLY B 333 -29.62 -2.29 -17.72
N THR B 334 -28.56 -1.97 -18.45
CA THR B 334 -27.63 -0.93 -18.01
C THR B 334 -28.12 0.43 -18.51
N GLU B 335 -28.26 1.36 -17.57
CA GLU B 335 -28.52 2.76 -17.85
C GLU B 335 -27.21 3.51 -17.78
N ILE B 336 -27.06 4.51 -18.65
CA ILE B 336 -25.89 5.34 -18.67
C ILE B 336 -26.36 6.79 -18.61
N ALA B 337 -25.83 7.54 -17.65
CA ALA B 337 -25.98 8.99 -17.64
C ALA B 337 -24.58 9.59 -17.75
N ILE B 338 -24.50 10.73 -18.45
CA ILE B 338 -23.26 11.45 -18.57
C ILE B 338 -23.44 12.68 -17.72
N ARG B 339 -22.58 12.87 -16.73
CA ARG B 339 -22.85 13.89 -15.74
C ARG B 339 -21.65 14.80 -15.58
N ASP B 340 -21.91 16.04 -15.18
CA ASP B 340 -20.91 17.07 -14.97
C ASP B 340 -20.32 16.97 -13.56
N GLN B 341 -19.43 17.92 -13.23
CA GLN B 341 -18.75 18.00 -11.93
C GLN B 341 -19.74 17.96 -10.77
N ASP B 342 -20.94 18.57 -10.93
CA ASP B 342 -21.89 18.71 -9.84
C ASP B 342 -22.90 17.55 -9.82
N GLY B 343 -22.93 16.72 -10.86
CA GLY B 343 -23.80 15.54 -10.89
C GLY B 343 -25.03 15.73 -11.76
N ALA B 344 -25.03 16.79 -12.57
CA ALA B 344 -26.10 17.07 -13.52
C ALA B 344 -26.02 16.17 -14.74
N ASP B 345 -27.17 15.62 -15.12
CA ASP B 345 -27.30 14.89 -16.36
C ASP B 345 -27.15 15.86 -17.52
N LEU B 346 -26.23 15.50 -18.42
CA LEU B 346 -25.90 16.29 -19.60
C LEU B 346 -26.59 15.71 -20.82
N PRO B 347 -27.01 16.56 -21.77
CA PRO B 347 -27.69 16.06 -22.96
C PRO B 347 -26.73 15.27 -23.85
N VAL B 348 -27.29 14.27 -24.53
CA VAL B 348 -26.56 13.40 -25.42
C VAL B 348 -25.72 14.25 -26.36
N GLY B 349 -24.42 13.93 -26.43
CA GLY B 349 -23.48 14.71 -27.21
C GLY B 349 -22.47 15.45 -26.33
N THR B 350 -22.78 15.65 -25.04
CA THR B 350 -21.92 16.45 -24.18
C THR B 350 -20.91 15.53 -23.49
N VAL B 351 -19.75 16.07 -23.12
CA VAL B 351 -18.76 15.30 -22.39
C VAL B 351 -19.03 15.40 -20.89
N GLY B 352 -18.94 14.28 -20.19
CA GLY B 352 -19.07 14.22 -18.74
C GLY B 352 -18.67 12.85 -18.19
N GLU B 353 -18.82 12.67 -16.89
CA GLU B 353 -18.44 11.43 -16.28
C GLU B 353 -19.48 10.40 -16.64
N VAL B 354 -19.01 9.25 -17.09
CA VAL B 354 -19.87 8.11 -17.32
C VAL B 354 -20.30 7.55 -15.98
N CYS B 355 -21.61 7.63 -15.73
CA CYS B 355 -22.26 7.07 -14.56
C CYS B 355 -23.26 6.02 -15.03
N VAL B 356 -23.20 4.87 -14.37
CA VAL B 356 -23.81 3.64 -14.85
C VAL B 356 -24.72 3.08 -13.75
N ARG B 357 -25.89 2.57 -14.11
CA ARG B 357 -26.72 1.87 -13.16
C ARG B 357 -27.21 0.56 -13.77
N SER B 358 -26.89 -0.55 -13.09
CA SER B 358 -27.29 -1.89 -13.53
C SER B 358 -27.26 -2.82 -12.33
N THR B 359 -27.83 -4.03 -12.47
CA THR B 359 -27.73 -5.02 -11.43
C THR B 359 -26.33 -5.64 -11.40
N MET B 360 -25.39 -5.17 -12.25
CA MET B 360 -24.03 -5.71 -12.23
C MET B 360 -23.16 -4.97 -11.24
N LEU B 361 -23.65 -3.86 -10.64
CA LEU B 361 -22.83 -3.08 -9.73
C LEU B 361 -22.33 -3.95 -8.59
N MET B 362 -21.12 -3.66 -8.11
CA MET B 362 -20.56 -4.42 -7.01
C MET B 362 -21.43 -4.23 -5.76
N ARG B 363 -21.37 -5.22 -4.84
CA ARG B 363 -21.91 -5.06 -3.48
C ARG B 363 -21.21 -3.84 -2.85
N GLY B 364 -19.95 -3.58 -3.21
CA GLY B 364 -19.23 -2.42 -2.71
C GLY B 364 -17.77 -2.76 -2.46
N TYR B 365 -17.01 -1.76 -2.01
CA TYR B 365 -15.61 -1.95 -1.68
C TYR B 365 -15.45 -2.57 -0.30
N TRP B 366 -14.57 -3.56 -0.22
CA TRP B 366 -14.35 -4.32 1.00
C TRP B 366 -13.80 -3.43 2.12
N ARG B 367 -14.59 -3.30 3.19
CA ARG B 367 -14.19 -2.55 4.37
C ARG B 367 -13.86 -1.09 4.02
N LEU B 368 -14.45 -0.52 2.95
CA LEU B 368 -14.20 0.87 2.63
C LEU B 368 -15.52 1.58 2.41
N PRO B 369 -16.40 1.64 3.45
CA PRO B 369 -17.73 2.24 3.29
C PRO B 369 -17.76 3.72 2.87
N GLU B 370 -16.69 4.46 3.22
CA GLU B 370 -16.59 5.86 2.83
C GLU B 370 -16.45 5.93 1.31
N LEU B 371 -15.44 5.21 0.80
CA LEU B 371 -15.06 5.30 -0.60
C LEU B 371 -16.17 4.72 -1.45
N THR B 372 -16.86 3.73 -0.90
CA THR B 372 -17.96 3.13 -1.61
C THR B 372 -18.97 4.23 -1.87
N ALA B 373 -19.23 5.05 -0.85
CA ALA B 373 -20.40 5.92 -0.90
C ALA B 373 -20.10 7.12 -1.81
N LYS B 374 -18.81 7.40 -2.01
CA LYS B 374 -18.34 8.46 -2.92
C LYS B 374 -18.40 7.96 -4.36
N THR B 375 -18.25 6.63 -4.53
CA THR B 375 -18.13 6.04 -5.85
C THR B 375 -19.52 5.67 -6.37
N VAL B 376 -20.34 5.05 -5.51
CA VAL B 376 -21.69 4.71 -5.87
C VAL B 376 -22.59 5.64 -5.09
N ARG B 377 -23.40 6.44 -5.78
CA ARG B 377 -24.26 7.42 -5.15
C ARG B 377 -25.66 7.24 -5.75
N ASP B 378 -26.63 6.90 -4.89
CA ASP B 378 -28.01 6.64 -5.30
C ASP B 378 -28.06 5.57 -6.37
N GLY B 379 -27.21 4.56 -6.24
CA GLY B 379 -27.24 3.40 -7.10
C GLY B 379 -26.59 3.68 -8.45
N TRP B 380 -25.88 4.80 -8.54
CA TRP B 380 -25.19 5.21 -9.75
C TRP B 380 -23.69 5.14 -9.52
N LEU B 381 -23.02 4.24 -10.24
CA LEU B 381 -21.57 4.18 -10.19
C LEU B 381 -20.98 5.33 -10.98
N HIS B 382 -20.16 6.14 -10.31
CA HIS B 382 -19.31 7.12 -10.97
C HIS B 382 -17.98 6.42 -11.36
N THR B 383 -17.79 6.18 -12.66
CA THR B 383 -16.65 5.38 -13.16
C THR B 383 -15.31 6.09 -13.16
N GLY B 384 -15.30 7.42 -13.05
CA GLY B 384 -14.08 8.21 -13.20
C GLY B 384 -13.67 8.39 -14.67
N ASP B 385 -14.52 7.88 -15.55
CA ASP B 385 -14.26 7.96 -16.99
C ASP B 385 -15.11 9.08 -17.57
N LEU B 386 -14.54 9.85 -18.47
CA LEU B 386 -15.26 10.90 -19.18
C LEU B 386 -15.54 10.44 -20.61
N GLY B 387 -16.73 10.74 -21.10
CA GLY B 387 -17.08 10.46 -22.48
C GLY B 387 -18.36 11.17 -22.90
N ARG B 388 -18.80 10.89 -24.13
CA ARG B 388 -20.11 11.32 -24.58
C ARG B 388 -20.83 10.17 -25.26
N LEU B 389 -22.17 10.24 -25.23
CA LEU B 389 -23.00 9.39 -26.04
C LEU B 389 -23.30 10.08 -27.37
N ASP B 390 -23.77 9.29 -28.35
CA ASP B 390 -24.27 9.85 -29.60
C ASP B 390 -25.73 9.42 -29.73
N THR B 391 -26.39 9.91 -30.81
CA THR B 391 -27.82 9.75 -30.92
C THR B 391 -28.23 8.28 -31.08
N GLU B 392 -27.28 7.39 -31.43
CA GLU B 392 -27.59 5.97 -31.57
C GLU B 392 -27.19 5.20 -30.31
N GLY B 393 -26.71 5.92 -29.30
CA GLY B 393 -26.43 5.33 -28.00
C GLY B 393 -25.02 4.74 -27.86
N TYR B 394 -24.14 5.00 -28.84
CA TYR B 394 -22.73 4.62 -28.71
C TYR B 394 -22.03 5.53 -27.73
N LEU B 395 -21.18 4.92 -26.90
CA LEU B 395 -20.38 5.63 -25.92
C LEU B 395 -18.98 5.85 -26.49
N TYR B 396 -18.47 7.08 -26.33
CA TYR B 396 -17.11 7.43 -26.71
C TYR B 396 -16.37 7.90 -25.45
N LEU B 397 -15.33 7.17 -25.09
CA LEU B 397 -14.51 7.53 -23.91
C LEU B 397 -13.41 8.48 -24.40
N VAL B 398 -13.28 9.63 -23.74
CA VAL B 398 -12.33 10.64 -24.15
C VAL B 398 -11.23 10.79 -23.10
N ASP B 399 -11.47 10.33 -21.86
CA ASP B 399 -10.46 10.49 -20.82
C ASP B 399 -10.88 9.81 -19.52
N ARG B 400 -9.88 9.72 -18.66
CA ARG B 400 -10.16 9.35 -17.27
C ARG B 400 -10.09 10.73 -16.62
N ALA B 401 -11.00 11.01 -15.71
CA ALA B 401 -11.07 12.33 -15.08
C ALA B 401 -9.69 12.77 -14.60
N LYS B 402 -8.91 11.82 -14.08
CA LYS B 402 -7.52 11.98 -13.64
C LYS B 402 -6.61 12.59 -14.72
N ASP B 403 -6.86 12.26 -15.98
CA ASP B 403 -5.89 12.52 -17.04
C ASP B 403 -6.21 13.84 -17.77
N VAL B 404 -7.25 14.58 -17.35
CA VAL B 404 -7.68 15.73 -18.11
C VAL B 404 -6.63 16.83 -18.02
N ILE B 405 -6.34 17.42 -19.17
CA ILE B 405 -5.30 18.44 -19.24
C ILE B 405 -5.96 19.83 -19.30
N ILE B 406 -5.71 20.64 -18.26
CA ILE B 406 -6.36 21.93 -18.15
C ILE B 406 -5.39 22.99 -18.66
N VAL B 407 -5.69 23.50 -19.85
CA VAL B 407 -4.90 24.55 -20.46
C VAL B 407 -5.72 25.83 -20.42
N GLU B 408 -5.27 26.80 -19.57
CA GLU B 408 -5.87 28.11 -19.49
C GLU B 408 -7.38 27.95 -19.25
N ALA B 409 -7.76 27.10 -18.28
CA ALA B 409 -9.17 26.89 -17.96
C ALA B 409 -9.97 26.22 -19.09
N TYR B 410 -9.35 25.87 -20.24
CA TYR B 410 -10.01 25.01 -21.21
C TYR B 410 -9.59 23.57 -20.94
N ASN B 411 -10.47 22.62 -21.29
CA ASN B 411 -10.27 21.20 -21.05
C ASN B 411 -9.79 20.51 -22.31
N VAL B 412 -8.57 19.97 -22.24
CA VAL B 412 -8.10 19.09 -23.27
C VAL B 412 -8.20 17.67 -22.71
N TYR B 413 -8.79 16.77 -23.51
CA TYR B 413 -8.99 15.38 -23.13
C TYR B 413 -7.95 14.52 -23.82
N SER B 414 -7.09 13.89 -23.01
CA SER B 414 -5.85 13.30 -23.49
C SER B 414 -6.15 12.17 -24.45
N GLN B 415 -7.12 11.31 -24.10
CA GLN B 415 -7.34 10.08 -24.86
C GLN B 415 -7.89 10.46 -26.23
N GLU B 416 -8.68 11.54 -26.26
CA GLU B 416 -9.27 12.00 -27.49
C GLU B 416 -8.21 12.57 -28.43
N VAL B 417 -7.16 13.19 -27.90
CA VAL B 417 -6.07 13.74 -28.70
C VAL B 417 -5.19 12.62 -29.26
N GLU B 418 -4.94 11.57 -28.49
CA GLU B 418 -4.21 10.39 -28.93
C GLU B 418 -4.87 9.77 -30.16
N HIS B 419 -6.22 9.68 -30.15
CA HIS B 419 -6.92 8.99 -31.21
C HIS B 419 -6.70 9.74 -32.50
N VAL B 420 -6.67 11.08 -32.42
CA VAL B 420 -6.43 11.90 -33.59
C VAL B 420 -5.03 11.64 -34.11
N LEU B 421 -4.06 11.58 -33.18
CA LEU B 421 -2.66 11.41 -33.52
C LEU B 421 -2.45 10.03 -34.10
N THR B 422 -3.01 9.01 -33.44
CA THR B 422 -2.80 7.64 -33.89
C THR B 422 -3.55 7.39 -35.19
N GLY B 423 -4.63 8.13 -35.41
CA GLY B 423 -5.35 8.04 -36.66
C GLY B 423 -4.50 8.49 -37.84
N HIS B 424 -3.50 9.34 -37.57
CA HIS B 424 -2.52 9.66 -38.60
C HIS B 424 -1.80 8.37 -39.02
N PRO B 425 -1.66 8.12 -40.35
CA PRO B 425 -0.94 6.95 -40.87
C PRO B 425 0.54 6.85 -40.50
N ASP B 426 1.20 7.99 -40.31
CA ASP B 426 2.59 7.99 -39.92
C ASP B 426 2.75 7.66 -38.44
N VAL B 427 1.65 7.67 -37.67
CA VAL B 427 1.71 7.49 -36.23
C VAL B 427 1.10 6.14 -35.89
N ARG B 428 1.79 5.37 -35.03
CA ARG B 428 1.37 4.04 -34.67
C ARG B 428 0.68 4.02 -33.31
N TYR B 429 1.37 4.66 -32.34
CA TYR B 429 0.92 4.77 -30.96
C TYR B 429 1.19 6.20 -30.46
N ALA B 430 0.49 6.61 -29.42
CA ALA B 430 0.67 7.93 -28.87
C ALA B 430 0.14 7.94 -27.44
N ALA B 431 0.75 8.80 -26.64
CA ALA B 431 0.34 9.07 -25.28
C ALA B 431 0.39 10.58 -25.11
N VAL B 432 -0.71 11.12 -24.60
CA VAL B 432 -0.82 12.53 -24.33
C VAL B 432 -0.90 12.69 -22.82
N VAL B 433 -0.16 13.67 -22.32
CA VAL B 433 -0.27 14.05 -20.93
C VAL B 433 -0.13 15.56 -20.81
N GLY B 434 -0.44 16.02 -19.60
CA GLY B 434 -0.17 17.39 -19.20
C GLY B 434 1.18 17.49 -18.51
N VAL B 435 1.89 18.55 -18.87
CA VAL B 435 3.09 18.95 -18.15
C VAL B 435 2.91 20.38 -17.66
N PRO B 436 3.72 20.86 -16.70
CA PRO B 436 3.71 22.27 -16.31
C PRO B 436 4.01 23.28 -17.43
N ASP B 437 3.25 24.38 -17.40
CA ASP B 437 3.48 25.53 -18.24
C ASP B 437 3.44 26.77 -17.34
N HIS B 438 4.41 27.69 -17.53
CA HIS B 438 4.42 28.91 -16.74
C HIS B 438 3.16 29.71 -17.09
N ASP B 439 2.85 29.76 -18.39
CA ASP B 439 1.88 30.67 -18.98
C ASP B 439 0.46 30.09 -18.97
N THR B 440 0.30 28.78 -19.26
CA THR B 440 -1.03 28.19 -19.35
C THR B 440 -1.27 27.19 -18.21
N THR B 441 -0.35 27.11 -17.23
CA THR B 441 -0.42 26.24 -16.06
C THR B 441 0.00 24.81 -16.45
N GLU B 442 -0.78 24.20 -17.35
CA GLU B 442 -0.55 22.89 -17.91
C GLU B 442 -0.50 23.04 -19.42
N ALA B 443 0.47 22.42 -20.07
CA ALA B 443 0.49 22.35 -21.51
C ALA B 443 0.35 20.90 -21.94
N VAL B 444 0.05 20.69 -23.23
CA VAL B 444 -0.19 19.37 -23.79
C VAL B 444 1.12 18.78 -24.31
N TYR B 445 1.54 17.65 -23.70
CA TYR B 445 2.63 16.83 -24.19
C TYR B 445 2.04 15.64 -24.95
N ALA B 446 2.52 15.40 -26.18
CA ALA B 446 2.28 14.14 -26.86
C ALA B 446 3.61 13.45 -27.16
N ALA B 447 3.69 12.18 -26.76
CA ALA B 447 4.71 11.27 -27.26
C ALA B 447 4.06 10.35 -28.28
N VAL B 448 4.69 10.27 -29.46
CA VAL B 448 4.14 9.51 -30.57
C VAL B 448 5.19 8.54 -31.08
N VAL B 449 4.74 7.30 -31.33
CA VAL B 449 5.57 6.25 -31.89
C VAL B 449 5.27 6.14 -33.38
N PRO B 450 6.31 6.25 -34.24
CA PRO B 450 6.14 6.20 -35.69
C PRO B 450 5.73 4.81 -36.14
N ALA B 451 4.94 4.70 -37.20
CA ALA B 451 4.66 3.38 -37.78
C ALA B 451 5.92 2.84 -38.48
N GLU B 452 5.86 1.56 -38.88
CA GLU B 452 7.05 0.81 -39.27
C GLU B 452 7.71 1.45 -40.50
N GLY B 453 6.90 1.80 -41.52
CA GLY B 453 7.43 2.30 -42.78
C GLY B 453 7.91 3.75 -42.73
N VAL B 454 7.51 4.49 -41.69
CA VAL B 454 7.52 5.95 -41.68
C VAL B 454 8.92 6.49 -41.34
N GLY B 455 9.29 7.62 -41.94
CA GLY B 455 10.58 8.25 -41.66
C GLY B 455 10.47 9.31 -40.57
N GLU B 456 10.93 10.54 -40.89
CA GLU B 456 10.83 11.67 -39.96
C GLU B 456 9.37 12.12 -39.95
N ILE B 457 8.77 12.10 -38.75
CA ILE B 457 7.41 12.56 -38.55
C ILE B 457 7.39 14.07 -38.79
N ASP B 458 6.37 14.55 -39.52
CA ASP B 458 6.14 15.98 -39.63
C ASP B 458 5.32 16.44 -38.42
N VAL B 459 6.02 16.89 -37.36
CA VAL B 459 5.38 17.28 -36.11
C VAL B 459 4.45 18.47 -36.32
N ASP B 460 4.58 19.20 -37.45
CA ASP B 460 3.70 20.32 -37.70
C ASP B 460 2.44 19.82 -38.37
N GLU B 461 2.57 18.81 -39.23
CA GLU B 461 1.39 18.17 -39.80
C GLU B 461 0.51 17.63 -38.67
N LEU B 462 1.13 17.12 -37.59
CA LEU B 462 0.41 16.47 -36.50
C LEU B 462 -0.29 17.50 -35.62
N ARG B 463 0.39 18.61 -35.34
CA ARG B 463 -0.23 19.69 -34.58
C ARG B 463 -1.42 20.25 -35.34
N ALA B 464 -1.22 20.49 -36.64
CA ALA B 464 -2.30 20.97 -37.49
C ALA B 464 -3.53 20.06 -37.38
N LEU B 465 -3.31 18.73 -37.48
CA LEU B 465 -4.40 17.79 -37.50
C LEU B 465 -5.22 17.85 -36.19
N VAL B 466 -4.55 18.13 -35.07
CA VAL B 466 -5.26 18.18 -33.80
C VAL B 466 -6.09 19.47 -33.72
N ARG B 467 -5.47 20.57 -34.13
CA ARG B 467 -6.07 21.89 -34.21
C ARG B 467 -7.31 21.82 -35.08
N THR B 468 -7.14 21.14 -36.20
CA THR B 468 -8.16 21.04 -37.22
C THR B 468 -9.33 20.16 -36.79
N THR B 469 -9.14 19.34 -35.76
CA THR B 469 -10.12 18.33 -35.43
C THR B 469 -10.78 18.73 -34.11
N LEU B 470 -9.92 19.02 -33.15
CA LEU B 470 -10.37 19.37 -31.82
C LEU B 470 -10.31 20.87 -31.62
N GLY B 471 -9.29 21.51 -32.18
CA GLY B 471 -9.15 22.94 -32.05
C GLY B 471 -7.85 23.31 -31.36
N PRO B 472 -7.49 24.61 -31.43
CA PRO B 472 -6.16 25.10 -31.06
C PRO B 472 -5.53 24.56 -29.79
N VAL B 473 -6.30 24.59 -28.70
CA VAL B 473 -5.71 24.42 -27.39
C VAL B 473 -5.37 22.96 -27.17
N HIS B 474 -6.05 22.07 -27.92
CA HIS B 474 -5.82 20.63 -27.89
C HIS B 474 -4.51 20.28 -28.59
N GLU B 475 -3.97 21.22 -29.36
CA GLU B 475 -2.67 21.09 -30.00
C GLU B 475 -1.60 20.78 -28.96
N PRO B 476 -0.76 19.74 -29.18
CA PRO B 476 0.42 19.51 -28.37
C PRO B 476 1.49 20.57 -28.59
N LYS B 477 1.75 21.35 -27.53
CA LYS B 477 2.83 22.31 -27.48
C LYS B 477 4.12 21.54 -27.70
N HIS B 478 4.29 20.48 -26.90
CA HIS B 478 5.47 19.64 -26.94
C HIS B 478 5.14 18.31 -27.61
N LEU B 479 5.91 17.94 -28.64
CA LEU B 479 5.63 16.74 -29.42
C LEU B 479 6.92 15.94 -29.69
N ASP B 480 7.19 14.97 -28.82
CA ASP B 480 8.32 14.08 -28.95
C ASP B 480 8.00 12.87 -29.81
N VAL B 481 8.84 12.59 -30.81
CA VAL B 481 8.93 11.24 -31.35
C VAL B 481 9.69 10.37 -30.35
N VAL B 482 9.17 9.17 -30.09
CA VAL B 482 9.81 8.25 -29.17
C VAL B 482 9.84 6.84 -29.77
N ASP B 483 10.68 6.02 -29.16
CA ASP B 483 10.79 4.61 -29.49
C ASP B 483 9.58 3.87 -28.90
N THR B 484 9.21 4.26 -27.69
CA THR B 484 8.37 3.40 -26.86
C THR B 484 7.58 4.27 -25.88
N ILE B 485 6.33 3.86 -25.67
CA ILE B 485 5.49 4.48 -24.67
C ILE B 485 5.58 3.64 -23.41
N PRO B 486 6.18 4.11 -22.31
CA PRO B 486 6.33 3.30 -21.10
C PRO B 486 5.00 2.72 -20.59
N THR B 487 5.09 1.59 -19.84
CA THR B 487 3.92 0.82 -19.44
C THR B 487 3.95 0.51 -17.95
N THR B 488 2.75 0.53 -17.35
CA THR B 488 2.54 0.15 -15.96
C THR B 488 2.76 -1.36 -15.81
N PRO B 489 2.64 -1.91 -14.59
CA PRO B 489 2.47 -3.34 -14.39
C PRO B 489 1.18 -3.88 -15.02
N ARG B 490 0.04 -3.28 -14.62
CA ARG B 490 -1.29 -3.74 -15.08
C ARG B 490 -1.74 -3.10 -16.40
N GLY B 491 -1.36 -3.67 -17.54
CA GLY B 491 -1.80 -3.18 -18.86
C GLY B 491 -2.33 -1.77 -18.93
N HIS B 492 -1.45 -0.76 -19.01
CA HIS B 492 -1.89 0.64 -19.22
C HIS B 492 -0.67 1.53 -19.53
N PRO B 493 -0.85 2.68 -20.22
CA PRO B 493 0.26 3.60 -20.49
C PRO B 493 0.75 4.32 -19.22
N ASP B 494 2.06 4.44 -19.05
CA ASP B 494 2.55 5.06 -17.83
C ASP B 494 2.64 6.57 -18.00
N LYS B 495 1.57 7.25 -17.61
CA LYS B 495 1.48 8.68 -17.81
C LYS B 495 2.38 9.42 -16.81
N SER B 496 2.55 8.87 -15.60
CA SER B 496 3.43 9.45 -14.60
C SER B 496 4.85 9.53 -15.11
N ALA B 497 5.31 8.48 -15.81
CA ALA B 497 6.70 8.36 -16.21
C ALA B 497 7.02 9.20 -17.43
N LEU B 498 5.99 9.71 -18.11
CA LEU B 498 6.17 10.68 -19.18
C LEU B 498 6.22 12.09 -18.60
N ARG B 499 5.34 12.39 -17.65
CA ARG B 499 5.41 13.60 -16.85
C ARG B 499 6.80 13.66 -16.21
N THR B 500 7.26 12.52 -15.65
CA THR B 500 8.53 12.39 -14.95
C THR B 500 9.71 12.61 -15.91
N ARG B 501 9.72 11.94 -17.07
CA ARG B 501 10.58 12.31 -18.19
C ARG B 501 10.06 13.69 -18.65
N TRP B 502 10.60 14.25 -19.73
CA TRP B 502 10.16 15.56 -20.24
C TRP B 502 10.67 16.70 -19.37
N ARG B 503 10.54 16.59 -18.03
CA ARG B 503 11.22 17.54 -17.15
C ARG B 503 12.70 17.50 -17.51
N ALA B 504 13.33 16.32 -17.31
CA ALA B 504 14.71 16.11 -17.69
C ALA B 504 14.87 16.11 -19.22
PG APC C . 7.37 2.89 11.03
O1G APC C . 6.70 4.16 11.53
O2G APC C . 6.37 1.90 10.43
O3G APC C . 8.56 3.20 10.11
PB APC C . 8.25 2.64 13.86
O1B APC C . 9.18 1.69 14.57
O2B APC C . 8.62 4.11 13.96
O3B APC C . 8.06 2.21 12.34
PA APC C . 6.08 2.47 16.13
O1A APC C . 6.47 3.76 16.81
O2A APC C . 4.64 2.01 16.27
C3A APC C . 6.49 2.48 14.35
O5' APC C . 7.11 1.28 16.46
C5' APC C . 7.64 1.01 17.77
C4' APC C . 7.99 -0.46 17.87
O4' APC C . 9.41 -0.63 17.65
C3' APC C . 7.72 -1.10 19.25
O3' APC C . 6.36 -1.54 19.40
C2' APC C . 8.83 -2.16 19.32
O2' APC C . 8.77 -3.36 18.58
C1' APC C . 9.99 -1.41 18.69
N9 APC C . 10.75 -0.53 19.59
C8 APC C . 10.58 0.80 19.92
N7 APC C . 11.49 1.26 20.74
C5 APC C . 12.34 0.17 20.95
C6 APC C . 13.50 0.01 21.72
N6 APC C . 14.06 0.99 22.43
N1 APC C . 14.11 -1.20 21.70
C2 APC C . 13.56 -2.19 20.98
N3 APC C . 12.46 -2.15 20.22
C4 APC C . 11.89 -0.94 20.25
PG APC D . -6.34 -2.91 -11.65
O1G APC D . -6.25 -4.26 -10.95
O2G APC D . -6.58 -1.76 -10.70
O3G APC D . -5.16 -2.67 -12.54
PB APC D . -8.10 -1.98 -13.79
O1B APC D . -8.44 -0.64 -13.21
O2B APC D . -7.08 -1.95 -14.90
O3B APC D . -7.60 -2.96 -12.65
PA APC D . -11.13 -2.39 -13.50
O1A APC D . -12.13 -3.47 -13.81
O2A APC D . -10.86 -2.18 -12.04
C3A APC D . -9.60 -2.79 -14.40
O5' APC D . -11.54 -1.01 -14.15
C5' APC D . -11.87 -0.89 -15.55
C4' APC D . -11.48 0.47 -16.08
O4' APC D . -10.58 0.29 -17.19
C3' APC D . -12.64 1.31 -16.64
O3' APC D . -13.26 2.12 -15.65
C2' APC D . -11.93 2.15 -17.70
O2' APC D . -11.23 3.26 -17.17
C1' APC D . -10.93 1.15 -18.27
N9 APC D . -11.49 0.35 -19.35
C8 APC D . -12.13 -0.86 -19.29
N7 APC D . -12.53 -1.31 -20.45
C5 APC D . -12.11 -0.33 -21.35
C6 APC D . -12.22 -0.23 -22.75
N6 APC D . -12.81 -1.15 -23.51
N1 APC D . -11.69 0.86 -23.33
C2 APC D . -11.11 1.79 -22.55
N3 APC D . -10.94 1.80 -21.24
C4 APC D . -11.47 0.70 -20.69
#